data_9KKE
#
_entry.id   9KKE
#
_cell.length_a   1.00
_cell.length_b   1.00
_cell.length_c   1.00
_cell.angle_alpha   90.00
_cell.angle_beta   90.00
_cell.angle_gamma   90.00
#
_symmetry.space_group_name_H-M   'P 1'
#
loop_
_entity.id
_entity.type
_entity.pdbx_description
1 polymer 'ABC transporter B family member 19'
2 non-polymer '2-[4-(diethylamino)-2-oxidanyl-phenyl]carbonylbenzoic acid'
#
_entity_poly.entity_id   1
_entity_poly.type   'polypeptide(L)'
_entity_poly.pdbx_seq_one_letter_code
;MSETNTTDAKTVPAEAEKKKEQSLPFFKLFSFADKFDYLLMFVGSLGAIVHGSSMPVFFLLFGQMVNGFGKNQMDLHQMV
HEVSRYSLYFVYLGLVVCFSSYAEIACWMYSGERQVAALRKKYLEAVLKQDVGFFDTDARTGDIVFSVSTDTLLVQDAIS
EKVGNFIHYLSTFLAGLVVGFVSAWKLALLSVAVIPGIAFAGGLYAYTLTGITSKSRESYANAGVIAEQAIAQVRTVYSY
VGESKALNAYSDAIQYTLKLGYKAGMAKGLGLGCTYGIACMSWALVFWYAGVFIRNGQTDGGKAFTAIFSAIVGGMSLGQ
SFSNLGAFSKGKAAGYKLMEIINQRPTIIQDPLDGKCLDQVHGNIEFKDVTFSYPSRPDVMIFRNFNIFFPSGKTVAVVG
GSGSGKSTVVSLIERFYDPNSGQILLDGVEIKTLQLKFLREQIGLVNQEPALFATTILENILYGKPDATMVEVEAAASAA
NAHSFITLLPKGYDTQVGERGVQLSGGQKQRIAIARAMLKDPKILLLDEATSALDASSESIVQEALDRVMVGRTTVVVAH
RLCTIRNVDSIAVIQQGQVVETGTHEELIAKSGAYASLIRFQEMVGTRDFSNPSTRRTRSTRLSHSLSTKSLSLRSGSLR
NLSYSYSTGADGRIEMISNAETDRKTRAPENYFYRLLKLNSPEWPYSIMGAVGSILSGFIGPTFAIVMSNMIEVFYYTDY
DSMERKTKEYVFIYIGAGLYAVGAYLIQHYFFSIMGENLTTRVRRMMLSAILRNEVGWFDEDEHNSSLIAARLATDAADV
KSAIAERISVILQNMTSLLTSFIVAFIVEWRVSLLILGTFPLLVLANFAQQLSLKGFAGDTAKAHAKTSMIAGEGVSNIR
TVAAFNAQSKILSLFCHELRVPQKRSLYRSQTSGFLFGLSQLALYGSEALILWYGAHLVSKGVSTFSKVIKVFVVLVITA
NSVAETVSLAPEIIRGGEAVGSVFSVLDRQTRIDPDDADADPVETIRGDIEFRHVDFAYPSRPDVMVFRDFNLRIRAGHS
QALVGASGSGKSSVIAMIERFYDPLAGKVMIDGKDIRRLNLKSLRLKIGLVQQEPALFAATIFDNIAYGKDGATESEVID
AARAANAHGFISGLPEGYKTPVGERGVQLSGGQKQRIAIARAVLKNPTVLLLDEATSALDAESECVLQEALERLMRGRTT
VVVAHRLSTIRGVDCIGVIQDGRIVEQGSHSELVSRPEGAYSRLLQLQTHRI
;
_entity_poly.pdbx_strand_id   A
#
# COMPACT_ATOMS: atom_id res chain seq x y z
N GLU A 21 18.96 -13.74 7.32
CA GLU A 21 17.89 -14.18 8.21
C GLU A 21 18.35 -14.22 9.66
N GLN A 22 19.01 -15.31 10.03
CA GLN A 22 19.49 -15.53 11.39
C GLN A 22 18.35 -15.36 12.39
N SER A 23 17.22 -16.00 12.08
CA SER A 23 16.01 -15.81 12.85
C SER A 23 16.11 -16.46 14.22
N LEU A 24 15.42 -15.85 15.19
CA LEU A 24 15.36 -16.41 16.53
C LEU A 24 14.48 -17.65 16.53
N PRO A 25 14.79 -18.64 17.38
CA PRO A 25 13.92 -19.83 17.48
C PRO A 25 12.54 -19.44 18.01
N PHE A 26 11.59 -20.36 17.82
CA PHE A 26 10.22 -20.08 18.23
C PHE A 26 10.12 -19.88 19.74
N PHE A 27 10.81 -20.70 20.52
CA PHE A 27 10.86 -20.46 21.94
C PHE A 27 11.73 -19.24 22.23
N LYS A 28 11.66 -18.76 23.47
CA LYS A 28 12.25 -17.50 23.94
C LYS A 28 11.55 -16.29 23.33
N LEU A 29 10.58 -16.49 22.43
CA LEU A 29 9.72 -15.42 21.99
C LEU A 29 8.70 -15.03 23.04
N PHE A 30 8.53 -15.85 24.07
CA PHE A 30 7.69 -15.54 25.21
C PHE A 30 8.47 -14.92 26.36
N SER A 31 9.66 -14.40 26.10
CA SER A 31 10.56 -13.94 27.15
C SER A 31 10.03 -12.69 27.85
N PHE A 32 8.93 -12.13 27.34
CA PHE A 32 8.32 -10.94 27.91
C PHE A 32 7.01 -11.30 28.62
N ALA A 33 6.99 -12.44 29.30
CA ALA A 33 5.79 -12.93 29.96
C ALA A 33 5.84 -12.61 31.44
N ASP A 34 4.77 -12.01 31.95
CA ASP A 34 4.64 -11.77 33.38
C ASP A 34 4.24 -13.07 34.08
N LYS A 35 4.35 -13.07 35.41
CA LYS A 35 3.96 -14.24 36.18
C LYS A 35 2.47 -14.54 36.09
N PHE A 36 1.66 -13.59 35.63
CA PHE A 36 0.23 -13.83 35.49
C PHE A 36 -0.14 -14.38 34.12
N ASP A 37 0.64 -14.06 33.09
CA ASP A 37 0.32 -14.53 31.74
C ASP A 37 0.58 -16.01 31.55
N TYR A 38 1.50 -16.60 32.32
CA TYR A 38 1.72 -18.03 32.23
C TYR A 38 0.46 -18.80 32.60
N LEU A 39 -0.26 -18.33 33.62
CA LEU A 39 -1.53 -18.94 33.98
C LEU A 39 -2.52 -18.83 32.83
N LEU A 40 -2.55 -17.68 32.16
CA LEU A 40 -3.45 -17.51 31.02
C LEU A 40 -3.13 -18.50 29.91
N MET A 41 -1.85 -18.67 29.58
CA MET A 41 -1.47 -19.62 28.54
C MET A 41 -1.80 -21.05 28.96
N PHE A 42 -1.58 -21.39 30.22
CA PHE A 42 -1.88 -22.73 30.69
C PHE A 42 -3.36 -23.04 30.58
N VAL A 43 -4.20 -22.10 31.02
CA VAL A 43 -5.65 -22.30 30.92
C VAL A 43 -6.08 -22.37 29.45
N GLY A 44 -5.49 -21.52 28.60
CA GLY A 44 -5.82 -21.57 27.20
C GLY A 44 -5.49 -22.90 26.55
N SER A 45 -4.31 -23.44 26.84
CA SER A 45 -3.93 -24.73 26.29
C SER A 45 -4.84 -25.84 26.80
N LEU A 46 -5.15 -25.82 28.11
CA LEU A 46 -6.02 -26.84 28.68
C LEU A 46 -7.40 -26.81 28.05
N GLY A 47 -7.94 -25.61 27.83
CA GLY A 47 -9.22 -25.49 27.15
C GLY A 47 -9.17 -25.92 25.71
N ALA A 48 -8.07 -25.58 25.02
CA ALA A 48 -7.94 -25.90 23.60
C ALA A 48 -7.89 -27.39 23.37
N ILE A 49 -7.18 -28.12 24.24
CA ILE A 49 -7.10 -29.58 24.06
C ILE A 49 -8.48 -30.20 24.18
N VAL A 50 -9.24 -29.79 25.20
CA VAL A 50 -10.59 -30.33 25.39
C VAL A 50 -11.48 -29.97 24.21
N HIS A 51 -11.41 -28.72 23.75
CA HIS A 51 -12.25 -28.29 22.63
C HIS A 51 -11.90 -29.06 21.36
N GLY A 52 -10.62 -29.41 21.19
CA GLY A 52 -10.23 -30.18 20.02
C GLY A 52 -10.61 -31.65 20.11
N SER A 53 -10.67 -32.19 21.31
CA SER A 53 -11.02 -33.60 21.50
C SER A 53 -12.52 -33.83 21.61
N SER A 54 -13.34 -32.96 21.02
CA SER A 54 -14.79 -33.04 21.15
C SER A 54 -15.48 -33.68 19.95
N MET A 55 -15.11 -33.29 18.73
CA MET A 55 -15.79 -33.81 17.54
C MET A 55 -15.74 -35.34 17.46
N PRO A 56 -14.61 -36.01 17.67
CA PRO A 56 -14.64 -37.49 17.68
C PRO A 56 -15.56 -38.07 18.74
N VAL A 57 -15.65 -37.45 19.91
CA VAL A 57 -16.59 -37.93 20.92
C VAL A 57 -18.02 -37.74 20.45
N PHE A 58 -18.29 -36.64 19.72
CA PHE A 58 -19.61 -36.46 19.14
C PHE A 58 -19.93 -37.58 18.16
N PHE A 59 -18.95 -37.98 17.34
CA PHE A 59 -19.17 -39.10 16.43
C PHE A 59 -19.42 -40.39 17.18
N LEU A 60 -18.70 -40.61 18.28
CA LEU A 60 -18.92 -41.81 19.07
C LEU A 60 -20.34 -41.86 19.64
N LEU A 61 -20.80 -40.74 20.20
CA LEU A 61 -22.17 -40.70 20.73
C LEU A 61 -23.19 -40.91 19.63
N PHE A 62 -22.97 -40.32 18.46
CA PHE A 62 -23.88 -40.53 17.33
C PHE A 62 -23.93 -41.99 16.92
N GLY A 63 -22.77 -42.65 16.87
CA GLY A 63 -22.74 -44.07 16.56
C GLY A 63 -23.48 -44.88 17.59
N GLN A 64 -23.35 -44.52 18.87
CA GLN A 64 -24.07 -45.24 19.92
C GLN A 64 -25.57 -45.08 19.77
N MET A 65 -26.04 -43.87 19.42
CA MET A 65 -27.48 -43.70 19.24
C MET A 65 -27.98 -44.43 18.00
N VAL A 66 -27.17 -44.47 16.93
CA VAL A 66 -27.56 -45.28 15.78
C VAL A 66 -27.65 -46.75 16.15
N ASN A 67 -26.73 -47.23 16.99
CA ASN A 67 -26.82 -48.60 17.49
C ASN A 67 -28.09 -48.80 18.31
N GLY A 68 -28.46 -47.81 19.12
CA GLY A 68 -29.69 -47.92 19.89
C GLY A 68 -30.92 -48.02 19.02
N PHE A 69 -30.97 -47.22 17.96
CA PHE A 69 -32.03 -47.38 16.96
C PHE A 69 -32.02 -48.78 16.36
N GLY A 70 -30.86 -49.23 15.91
CA GLY A 70 -30.80 -50.47 15.14
C GLY A 70 -31.15 -51.70 15.96
N LYS A 71 -30.63 -51.80 17.18
CA LYS A 71 -30.77 -53.02 17.96
C LYS A 71 -32.14 -53.19 18.58
N ASN A 72 -32.99 -52.16 18.59
CA ASN A 72 -34.27 -52.26 19.26
C ASN A 72 -35.43 -51.95 18.34
N GLN A 73 -35.40 -52.48 17.11
CA GLN A 73 -36.49 -52.23 16.18
C GLN A 73 -37.78 -52.93 16.60
N MET A 74 -37.68 -54.09 17.24
CA MET A 74 -38.83 -54.90 17.62
C MET A 74 -39.21 -54.74 19.08
N ASP A 75 -38.59 -53.80 19.81
CA ASP A 75 -38.89 -53.59 21.22
C ASP A 75 -38.83 -52.08 21.49
N LEU A 76 -39.99 -51.44 21.47
CA LEU A 76 -40.04 -49.99 21.64
C LEU A 76 -40.21 -49.59 23.10
N HIS A 77 -39.38 -50.17 23.96
CA HIS A 77 -39.24 -49.72 25.33
C HIS A 77 -37.81 -49.35 25.68
N GLN A 78 -36.85 -50.21 25.36
CA GLN A 78 -35.45 -49.92 25.65
C GLN A 78 -34.96 -48.76 24.80
N MET A 79 -35.38 -48.70 23.55
CA MET A 79 -34.89 -47.68 22.63
C MET A 79 -35.23 -46.28 23.13
N VAL A 80 -36.40 -46.12 23.76
CA VAL A 80 -36.77 -44.81 24.29
C VAL A 80 -35.78 -44.38 25.36
N HIS A 81 -35.45 -45.29 26.28
CA HIS A 81 -34.50 -44.98 27.34
C HIS A 81 -33.11 -44.68 26.77
N GLU A 82 -32.67 -45.48 25.79
CA GLU A 82 -31.36 -45.25 25.19
C GLU A 82 -31.29 -43.89 24.52
N VAL A 83 -32.33 -43.52 23.76
CA VAL A 83 -32.31 -42.24 23.09
C VAL A 83 -32.36 -41.11 24.10
N SER A 84 -33.14 -41.27 25.18
CA SER A 84 -33.20 -40.25 26.21
C SER A 84 -31.82 -40.04 26.85
N ARG A 85 -31.16 -41.13 27.23
CA ARG A 85 -29.86 -40.99 27.89
C ARG A 85 -28.81 -40.43 26.94
N TYR A 86 -28.88 -40.79 25.65
CA TYR A 86 -27.90 -40.27 24.71
C TYR A 86 -28.17 -38.81 24.37
N SER A 87 -29.43 -38.39 24.36
CA SER A 87 -29.73 -36.97 24.22
C SER A 87 -29.21 -36.19 25.42
N LEU A 88 -29.35 -36.77 26.63
CA LEU A 88 -28.78 -36.13 27.81
C LEU A 88 -27.27 -36.03 27.71
N TYR A 89 -26.61 -37.07 27.21
CA TYR A 89 -25.17 -37.03 26.99
C TYR A 89 -24.80 -35.96 25.96
N PHE A 90 -25.63 -35.79 24.92
CA PHE A 90 -25.39 -34.72 23.97
C PHE A 90 -25.51 -33.36 24.63
N VAL A 91 -26.48 -33.19 25.53
CA VAL A 91 -26.59 -31.93 26.26
C VAL A 91 -25.32 -31.68 27.07
N TYR A 92 -24.82 -32.72 27.75
CA TYR A 92 -23.58 -32.56 28.50
C TYR A 92 -22.41 -32.20 27.60
N LEU A 93 -22.31 -32.85 26.44
CA LEU A 93 -21.22 -32.55 25.52
C LEU A 93 -21.30 -31.12 25.02
N GLY A 94 -22.50 -30.65 24.70
CA GLY A 94 -22.68 -29.27 24.29
C GLY A 94 -22.27 -28.30 25.39
N LEU A 95 -22.62 -28.61 26.63
CA LEU A 95 -22.22 -27.75 27.75
C LEU A 95 -20.70 -27.72 27.88
N VAL A 96 -20.05 -28.87 27.73
CA VAL A 96 -18.59 -28.93 27.83
C VAL A 96 -17.94 -28.10 26.73
N VAL A 97 -18.45 -28.21 25.50
CA VAL A 97 -17.91 -27.42 24.40
C VAL A 97 -18.13 -25.92 24.65
N CYS A 98 -19.30 -25.57 25.20
CA CYS A 98 -19.58 -24.17 25.50
C CYS A 98 -18.61 -23.62 26.53
N PHE A 99 -18.31 -24.39 27.57
CA PHE A 99 -17.43 -23.91 28.64
C PHE A 99 -15.96 -24.23 28.39
N SER A 100 -15.63 -24.83 27.25
CA SER A 100 -14.24 -25.12 26.90
C SER A 100 -13.73 -24.26 25.76
N SER A 101 -14.52 -24.08 24.71
CA SER A 101 -14.12 -23.22 23.60
C SER A 101 -13.94 -21.77 24.05
N TYR A 102 -14.69 -21.34 25.06
CA TYR A 102 -14.51 -19.99 25.59
C TYR A 102 -13.15 -19.78 26.21
N ALA A 103 -12.57 -20.82 26.81
CA ALA A 103 -11.25 -20.69 27.44
C ALA A 103 -10.11 -20.72 26.44
N GLU A 104 -10.40 -20.96 25.16
CA GLU A 104 -9.38 -20.98 24.12
C GLU A 104 -9.24 -19.66 23.39
N ILE A 105 -10.32 -18.89 23.25
CA ILE A 105 -10.27 -17.63 22.52
C ILE A 105 -10.13 -16.48 23.50
N ALA A 106 -10.64 -16.64 24.72
CA ALA A 106 -10.58 -15.59 25.71
C ALA A 106 -9.31 -15.62 26.55
N CYS A 107 -8.47 -16.64 26.41
CA CYS A 107 -7.24 -16.72 27.17
C CYS A 107 -5.98 -16.65 26.30
N TRP A 108 -6.11 -16.84 24.99
CA TRP A 108 -4.98 -16.75 24.08
C TRP A 108 -4.87 -15.40 23.41
N MET A 109 -5.98 -14.85 22.92
CA MET A 109 -5.95 -13.55 22.27
C MET A 109 -5.54 -12.45 23.24
N TYR A 110 -6.06 -12.49 24.47
CA TYR A 110 -5.71 -11.47 25.44
C TYR A 110 -4.24 -11.56 25.85
N SER A 111 -3.73 -12.78 26.00
CA SER A 111 -2.33 -12.96 26.36
C SER A 111 -1.40 -12.48 25.25
N GLY A 112 -1.87 -12.44 24.01
CA GLY A 112 -1.09 -11.88 22.93
C GLY A 112 -1.09 -10.37 22.87
N GLU A 113 -1.83 -9.72 23.77
CA GLU A 113 -1.86 -8.27 23.85
C GLU A 113 -1.09 -7.73 25.04
N ARG A 114 -0.92 -8.52 26.11
CA ARG A 114 -0.15 -8.10 27.27
C ARG A 114 1.34 -8.33 27.11
N GLN A 115 1.78 -8.89 25.99
CA GLN A 115 3.20 -9.09 25.71
C GLN A 115 3.72 -8.12 24.67
N VAL A 116 3.02 -7.97 23.54
CA VAL A 116 3.43 -7.00 22.53
C VAL A 116 3.38 -5.58 23.11
N ALA A 117 2.32 -5.28 23.87
CA ALA A 117 2.26 -3.99 24.55
C ALA A 117 3.40 -3.84 25.54
N ALA A 118 3.69 -4.89 26.31
CA ALA A 118 4.82 -4.88 27.23
C ALA A 118 6.16 -4.89 26.52
N LEU A 119 6.18 -5.16 25.22
CA LEU A 119 7.41 -5.15 24.45
C LEU A 119 7.67 -3.80 23.82
N ARG A 120 6.62 -3.12 23.34
CA ARG A 120 6.82 -1.81 22.72
C ARG A 120 7.33 -0.78 23.74
N LYS A 121 6.86 -0.86 24.99
CA LYS A 121 7.31 0.08 26.00
C LYS A 121 8.81 -0.03 26.24
N LYS A 122 9.37 -1.22 26.06
CA LYS A 122 10.82 -1.39 26.18
C LYS A 122 11.54 -1.05 24.88
N TYR A 123 10.93 -1.38 23.73
CA TYR A 123 11.57 -1.12 22.45
C TYR A 123 11.74 0.37 22.20
N LEU A 124 10.70 1.16 22.46
CA LEU A 124 10.80 2.61 22.25
C LEU A 124 11.81 3.23 23.20
N GLU A 125 11.85 2.74 24.44
CA GLU A 125 12.85 3.22 25.39
C GLU A 125 14.26 2.91 24.90
N ALA A 126 14.47 1.71 24.36
CA ALA A 126 15.77 1.36 23.82
C ALA A 126 16.13 2.25 22.63
N VAL A 127 15.15 2.55 21.78
CA VAL A 127 15.41 3.42 20.62
C VAL A 127 15.80 4.81 21.08
N LEU A 128 15.09 5.35 22.07
CA LEU A 128 15.34 6.71 22.55
C LEU A 128 16.56 6.80 23.45
N LYS A 129 17.11 5.66 23.88
CA LYS A 129 18.36 5.66 24.63
C LYS A 129 19.59 5.74 23.74
N GLN A 130 19.53 5.29 22.50
CA GLN A 130 20.69 5.29 21.62
C GLN A 130 21.10 6.70 21.26
N ASP A 131 22.31 6.83 20.72
CA ASP A 131 22.81 8.13 20.29
C ASP A 131 22.11 8.58 19.01
N VAL A 132 22.05 9.91 18.84
CA VAL A 132 21.42 10.47 17.65
C VAL A 132 22.20 10.12 16.40
N GLY A 133 23.51 9.87 16.53
CA GLY A 133 24.31 9.50 15.38
C GLY A 133 23.89 8.20 14.73
N PHE A 134 23.12 7.37 15.43
CA PHE A 134 22.61 6.14 14.83
C PHE A 134 21.66 6.44 13.69
N PHE A 135 20.92 7.54 13.78
CA PHE A 135 20.01 7.97 12.72
C PHE A 135 20.73 9.03 11.88
N ASP A 136 21.39 8.58 10.82
CA ASP A 136 22.18 9.49 9.99
C ASP A 136 21.38 10.04 8.80
N THR A 137 20.16 10.48 9.09
CA THR A 137 19.30 11.19 8.13
C THR A 137 19.25 10.48 6.78
N ASP A 138 18.59 9.33 6.77
CA ASP A 138 18.44 8.55 5.55
C ASP A 138 17.23 7.63 5.71
N ALA A 139 17.17 6.58 4.88
CA ALA A 139 16.11 5.59 4.95
C ALA A 139 16.17 4.73 6.20
N ARG A 140 17.20 4.89 7.05
CA ARG A 140 17.25 4.13 8.29
C ARG A 140 16.10 4.49 9.22
N THR A 141 15.77 5.79 9.30
CA THR A 141 14.62 6.20 10.10
C THR A 141 13.33 5.62 9.53
N GLY A 142 13.22 5.58 8.20
CA GLY A 142 12.07 4.94 7.59
C GLY A 142 11.99 3.46 7.93
N ASP A 143 13.13 2.77 7.93
CA ASP A 143 13.15 1.37 8.32
C ASP A 143 12.71 1.18 9.76
N ILE A 144 13.18 2.06 10.65
CA ILE A 144 12.83 1.95 12.07
C ILE A 144 11.34 2.19 12.27
N VAL A 145 10.80 3.22 11.63
CA VAL A 145 9.37 3.50 11.80
C VAL A 145 8.53 2.39 11.17
N PHE A 146 8.98 1.82 10.05
CA PHE A 146 8.29 0.69 9.46
C PHE A 146 8.30 -0.52 10.40
N SER A 147 9.43 -0.75 11.07
CA SER A 147 9.52 -1.83 12.04
C SER A 147 8.55 -1.60 13.20
N VAL A 148 8.48 -0.37 13.70
CA VAL A 148 7.58 -0.07 14.81
C VAL A 148 6.13 -0.27 14.39
N SER A 149 5.76 0.24 13.21
CA SER A 149 4.36 0.24 12.81
C SER A 149 3.87 -1.12 12.36
N THR A 150 4.69 -1.88 11.62
CA THR A 150 4.24 -3.09 10.95
C THR A 150 4.82 -4.36 11.55
N ASP A 151 6.10 -4.36 11.92
CA ASP A 151 6.76 -5.60 12.29
C ASP A 151 6.25 -6.14 13.63
N THR A 152 5.96 -5.24 14.58
CA THR A 152 5.40 -5.70 15.85
C THR A 152 4.04 -6.36 15.64
N LEU A 153 3.30 -5.92 14.61
CA LEU A 153 2.06 -6.59 14.26
C LEU A 153 2.33 -8.03 13.83
N LEU A 154 3.40 -8.25 13.07
CA LEU A 154 3.78 -9.61 12.69
C LEU A 154 4.20 -10.43 13.90
N VAL A 155 4.89 -9.80 14.87
CA VAL A 155 5.23 -10.52 16.10
C VAL A 155 3.96 -10.93 16.85
N GLN A 156 2.97 -10.05 16.86
CA GLN A 156 1.72 -10.31 17.59
C GLN A 156 0.95 -11.49 17.02
N ASP A 157 1.19 -11.87 15.77
CA ASP A 157 0.48 -13.00 15.16
C ASP A 157 1.06 -14.35 15.52
N ALA A 158 2.34 -14.42 15.86
CA ALA A 158 2.98 -15.68 16.22
C ALA A 158 2.71 -16.10 17.65
N ILE A 159 2.19 -15.20 18.49
CA ILE A 159 1.85 -15.52 19.87
C ILE A 159 0.38 -15.34 20.16
N SER A 160 -0.44 -15.08 19.15
CA SER A 160 -1.88 -14.89 19.32
C SER A 160 -2.58 -16.25 19.17
N GLU A 161 -3.90 -16.22 19.03
CA GLU A 161 -4.72 -17.43 18.99
C GLU A 161 -4.33 -18.40 17.88
N LYS A 162 -3.38 -18.05 17.02
CA LYS A 162 -2.94 -19.00 15.99
C LYS A 162 -2.33 -20.25 16.61
N VAL A 163 -1.50 -20.08 17.63
CA VAL A 163 -0.89 -21.24 18.29
C VAL A 163 -1.97 -22.06 18.99
N GLY A 164 -2.96 -21.40 19.57
CA GLY A 164 -4.07 -22.14 20.17
C GLY A 164 -4.84 -22.94 19.15
N ASN A 165 -5.06 -22.36 17.97
CA ASN A 165 -5.74 -23.09 16.89
C ASN A 165 -4.91 -24.29 16.45
N PHE A 166 -3.59 -24.11 16.35
CA PHE A 166 -2.71 -25.21 15.97
C PHE A 166 -2.79 -26.36 16.98
N ILE A 167 -2.74 -26.02 18.27
CA ILE A 167 -2.85 -27.06 19.30
C ILE A 167 -4.21 -27.72 19.22
N HIS A 168 -5.27 -26.93 19.03
CA HIS A 168 -6.62 -27.47 18.90
C HIS A 168 -6.70 -28.52 17.79
N TYR A 169 -6.24 -28.17 16.59
CA TYR A 169 -6.39 -29.07 15.47
C TYR A 169 -5.40 -30.24 15.50
N LEU A 170 -4.28 -30.13 16.21
CA LEU A 170 -3.44 -31.30 16.39
C LEU A 170 -4.05 -32.28 17.39
N SER A 171 -4.58 -31.74 18.50
CA SER A 171 -5.25 -32.60 19.47
C SER A 171 -6.47 -33.27 18.86
N THR A 172 -7.14 -32.60 17.92
CA THR A 172 -8.26 -33.23 17.23
C THR A 172 -7.80 -34.48 16.48
N PHE A 173 -6.68 -34.38 15.77
CA PHE A 173 -6.17 -35.53 15.02
C PHE A 173 -5.79 -36.67 15.97
N LEU A 174 -5.07 -36.33 17.05
CA LEU A 174 -4.65 -37.38 17.99
C LEU A 174 -5.86 -38.07 18.60
N ALA A 175 -6.84 -37.29 19.07
CA ALA A 175 -8.03 -37.87 19.69
C ALA A 175 -8.81 -38.69 18.69
N GLY A 176 -8.88 -38.25 17.44
CA GLY A 176 -9.57 -39.03 16.43
C GLY A 176 -8.94 -40.38 16.22
N LEU A 177 -7.60 -40.41 16.09
CA LEU A 177 -6.93 -41.70 15.93
C LEU A 177 -7.15 -42.60 17.15
N VAL A 178 -7.13 -42.01 18.35
CA VAL A 178 -7.32 -42.81 19.56
C VAL A 178 -8.73 -43.40 19.60
N VAL A 179 -9.76 -42.60 19.30
CA VAL A 179 -11.14 -43.05 19.38
C VAL A 179 -11.42 -43.86 18.12
N GLY A 180 -10.41 -43.99 17.29
CA GLY A 180 -10.48 -44.79 16.08
C GLY A 180 -9.96 -46.18 16.40
N PHE A 181 -8.66 -46.39 16.24
CA PHE A 181 -8.04 -47.71 16.32
C PHE A 181 -8.58 -48.59 17.43
N VAL A 182 -9.06 -47.99 18.53
CA VAL A 182 -9.61 -48.79 19.62
C VAL A 182 -10.91 -49.48 19.23
N SER A 183 -11.73 -48.83 18.39
CA SER A 183 -13.05 -49.37 18.09
C SER A 183 -12.98 -50.54 17.11
N ALA A 184 -12.45 -50.29 15.92
CA ALA A 184 -12.29 -51.33 14.90
C ALA A 184 -11.04 -50.99 14.10
N TRP A 185 -9.94 -51.67 14.41
CA TRP A 185 -8.64 -51.26 13.88
C TRP A 185 -8.58 -51.42 12.37
N LYS A 186 -9.25 -52.44 11.82
CA LYS A 186 -9.20 -52.66 10.38
C LYS A 186 -9.86 -51.52 9.61
N LEU A 187 -11.06 -51.12 10.03
CA LEU A 187 -11.74 -50.04 9.33
C LEU A 187 -10.99 -48.72 9.45
N ALA A 188 -10.47 -48.43 10.65
CA ALA A 188 -9.70 -47.20 10.82
C ALA A 188 -8.41 -47.22 10.00
N LEU A 189 -7.78 -48.39 9.90
CA LEU A 189 -6.59 -48.51 9.07
C LEU A 189 -6.92 -48.26 7.60
N LEU A 190 -8.04 -48.82 7.13
CA LEU A 190 -8.45 -48.55 5.75
C LEU A 190 -8.72 -47.07 5.53
N SER A 191 -9.40 -46.44 6.49
CA SER A 191 -9.74 -45.02 6.35
C SER A 191 -8.49 -44.15 6.35
N VAL A 192 -7.50 -44.48 7.18
CA VAL A 192 -6.28 -43.68 7.20
C VAL A 192 -5.38 -44.02 6.03
N ALA A 193 -5.56 -45.18 5.39
CA ALA A 193 -4.76 -45.53 4.23
C ALA A 193 -5.35 -45.04 2.92
N VAL A 194 -6.64 -44.69 2.89
CA VAL A 194 -7.23 -44.20 1.65
C VAL A 194 -7.11 -42.68 1.48
N ILE A 195 -6.90 -41.93 2.56
CA ILE A 195 -6.78 -40.47 2.48
C ILE A 195 -5.51 -39.98 1.78
N PRO A 196 -4.38 -40.72 1.77
CA PRO A 196 -3.22 -40.20 1.02
C PRO A 196 -3.50 -39.90 -0.44
N GLY A 197 -4.37 -40.68 -1.09
CA GLY A 197 -4.72 -40.38 -2.47
C GLY A 197 -5.39 -39.02 -2.60
N ILE A 198 -6.34 -38.73 -1.72
CA ILE A 198 -7.03 -37.45 -1.75
C ILE A 198 -6.04 -36.31 -1.46
N ALA A 199 -5.15 -36.51 -0.48
CA ALA A 199 -4.18 -35.48 -0.16
C ALA A 199 -3.25 -35.21 -1.33
N PHE A 200 -2.77 -36.27 -1.99
CA PHE A 200 -1.90 -36.10 -3.14
C PHE A 200 -2.62 -35.39 -4.29
N ALA A 201 -3.89 -35.76 -4.53
CA ALA A 201 -4.65 -35.08 -5.57
C ALA A 201 -4.81 -33.60 -5.27
N GLY A 202 -5.13 -33.27 -4.02
CA GLY A 202 -5.27 -31.86 -3.65
C GLY A 202 -3.96 -31.10 -3.80
N GLY A 203 -2.85 -31.72 -3.40
CA GLY A 203 -1.55 -31.06 -3.56
C GLY A 203 -1.20 -30.82 -5.01
N LEU A 204 -1.44 -31.82 -5.87
CA LEU A 204 -1.19 -31.64 -7.29
C LEU A 204 -2.07 -30.54 -7.87
N TYR A 205 -3.33 -30.50 -7.45
CA TYR A 205 -4.24 -29.46 -7.92
C TYR A 205 -3.74 -28.08 -7.53
N ALA A 206 -3.31 -27.92 -6.28
CA ALA A 206 -2.81 -26.63 -5.82
C ALA A 206 -1.54 -26.23 -6.56
N TYR A 207 -0.62 -27.18 -6.77
CA TYR A 207 0.61 -26.88 -7.48
C TYR A 207 0.33 -26.46 -8.92
N THR A 208 -0.58 -27.17 -9.59
CA THR A 208 -0.94 -26.79 -10.95
C THR A 208 -1.56 -25.40 -10.99
N LEU A 209 -2.44 -25.09 -10.04
CA LEU A 209 -3.04 -23.76 -10.01
C LEU A 209 -1.98 -22.68 -9.84
N THR A 210 -1.04 -22.89 -8.92
CA THR A 210 0.00 -21.89 -8.69
C THR A 210 0.86 -21.71 -9.94
N GLY A 211 1.23 -22.81 -10.58
CA GLY A 211 2.04 -22.71 -11.80
C GLY A 211 1.31 -21.96 -12.91
N ILE A 212 0.03 -22.26 -13.10
CA ILE A 212 -0.73 -21.59 -14.15
C ILE A 212 -0.89 -20.11 -13.84
N THR A 213 -1.12 -19.76 -12.57
CA THR A 213 -1.24 -18.35 -12.21
C THR A 213 0.08 -17.60 -12.45
N SER A 214 1.20 -18.23 -12.10
CA SER A 214 2.50 -17.60 -12.34
C SER A 214 2.73 -17.40 -13.84
N LYS A 215 2.38 -18.40 -14.65
CA LYS A 215 2.52 -18.26 -16.09
C LYS A 215 1.63 -17.14 -16.62
N SER A 216 0.42 -17.02 -16.08
CA SER A 216 -0.48 -15.95 -16.50
C SER A 216 0.09 -14.57 -16.18
N ARG A 217 0.66 -14.42 -14.98
CA ARG A 217 1.27 -13.14 -14.63
C ARG A 217 2.47 -12.83 -15.52
N GLU A 218 3.30 -13.84 -15.80
CA GLU A 218 4.43 -13.62 -16.68
C GLU A 218 3.97 -13.23 -18.08
N SER A 219 2.89 -13.84 -18.56
CA SER A 219 2.31 -13.43 -19.84
C SER A 219 1.77 -12.00 -19.77
N TYR A 220 1.23 -11.61 -18.63
CA TYR A 220 0.78 -10.23 -18.46
C TYR A 220 1.93 -9.24 -18.44
N ALA A 221 3.14 -9.69 -18.09
CA ALA A 221 4.32 -8.84 -18.15
C ALA A 221 4.73 -8.51 -19.59
N ASN A 222 3.98 -9.01 -20.56
CA ASN A 222 4.23 -8.75 -21.98
C ASN A 222 3.68 -7.36 -22.26
N ALA A 223 3.52 -6.99 -23.55
CA ALA A 223 3.21 -5.62 -23.95
C ALA A 223 2.00 -5.03 -23.25
N GLY A 224 1.23 -5.82 -22.50
CA GLY A 224 0.17 -5.29 -21.66
C GLY A 224 0.67 -4.37 -20.56
N VAL A 225 1.99 -4.23 -20.41
CA VAL A 225 2.56 -3.32 -19.42
C VAL A 225 2.80 -1.94 -20.01
N ILE A 226 2.88 -1.84 -21.34
CA ILE A 226 3.24 -0.58 -22.01
C ILE A 226 2.20 0.50 -21.77
N ALA A 227 1.09 0.15 -21.12
CA ALA A 227 0.10 1.16 -20.76
C ALA A 227 0.70 2.18 -19.79
N GLU A 228 1.55 1.74 -18.88
CA GLU A 228 2.12 2.64 -17.88
C GLU A 228 3.01 3.71 -18.52
N GLN A 229 3.83 3.32 -19.51
CA GLN A 229 4.69 4.30 -20.15
C GLN A 229 3.89 5.23 -21.06
N ALA A 230 2.84 4.73 -21.70
CA ALA A 230 1.97 5.59 -22.49
C ALA A 230 1.28 6.62 -21.61
N ILE A 231 0.88 6.22 -20.40
CA ILE A 231 0.26 7.16 -19.46
C ILE A 231 1.30 8.16 -18.96
N ALA A 232 2.50 7.69 -18.64
CA ALA A 232 3.53 8.60 -18.14
C ALA A 232 3.94 9.61 -19.21
N GLN A 233 4.27 9.14 -20.41
CA GLN A 233 4.57 10.03 -21.54
C GLN A 233 3.30 10.41 -22.29
N VAL A 234 2.35 11.01 -21.58
CA VAL A 234 1.07 11.34 -22.20
C VAL A 234 1.18 12.61 -23.03
N ARG A 235 2.10 13.51 -22.67
CA ARG A 235 2.23 14.76 -23.40
C ARG A 235 2.61 14.52 -24.85
N THR A 236 3.57 13.62 -25.09
CA THR A 236 4.00 13.36 -26.46
C THR A 236 2.95 12.60 -27.25
N VAL A 237 2.19 11.71 -26.62
CA VAL A 237 1.16 10.98 -27.37
C VAL A 237 0.00 11.90 -27.71
N TYR A 238 -0.30 12.87 -26.85
CA TYR A 238 -1.32 13.86 -27.19
C TYR A 238 -0.81 14.88 -28.21
N SER A 239 0.49 15.15 -28.23
CA SER A 239 1.03 16.09 -29.20
C SER A 239 0.83 15.59 -30.64
N TYR A 240 1.04 14.30 -30.86
CA TYR A 240 0.73 13.67 -32.13
C TYR A 240 -0.68 13.10 -32.09
N VAL A 241 -1.08 12.45 -33.20
CA VAL A 241 -2.44 11.93 -33.29
C VAL A 241 -2.68 10.84 -32.24
N GLY A 242 -1.74 9.90 -32.11
CA GLY A 242 -1.81 8.86 -31.10
C GLY A 242 -3.13 8.12 -30.99
N GLU A 243 -3.38 7.54 -29.83
CA GLU A 243 -4.64 6.90 -29.43
C GLU A 243 -5.02 5.71 -30.29
N SER A 244 -4.20 5.31 -31.25
CA SER A 244 -4.50 4.15 -32.09
C SER A 244 -3.53 3.00 -31.83
N LYS A 245 -2.24 3.24 -31.98
CA LYS A 245 -1.25 2.22 -31.62
C LYS A 245 -1.18 1.98 -30.12
N ALA A 246 -1.63 2.93 -29.31
CA ALA A 246 -1.65 2.73 -27.86
C ALA A 246 -2.76 1.80 -27.43
N LEU A 247 -3.80 1.64 -28.24
CA LEU A 247 -4.92 0.78 -27.93
C LEU A 247 -4.86 -0.56 -28.67
N ASN A 248 -4.50 -0.53 -29.95
CA ASN A 248 -4.42 -1.78 -30.71
C ASN A 248 -3.34 -2.69 -30.15
N ALA A 249 -2.20 -2.12 -29.76
CA ALA A 249 -1.14 -2.91 -29.15
C ALA A 249 -1.62 -3.51 -27.83
N TYR A 250 -2.36 -2.74 -27.03
CA TYR A 250 -2.88 -3.26 -25.78
C TYR A 250 -3.84 -4.42 -26.01
N SER A 251 -4.72 -4.30 -27.01
CA SER A 251 -5.64 -5.38 -27.32
C SER A 251 -4.87 -6.64 -27.77
N ASP A 252 -3.88 -6.45 -28.64
CA ASP A 252 -3.10 -7.60 -29.11
C ASP A 252 -2.34 -8.25 -27.97
N ALA A 253 -1.88 -7.46 -26.99
CA ALA A 253 -1.20 -8.03 -25.85
C ALA A 253 -2.15 -8.81 -24.94
N ILE A 254 -3.33 -8.24 -24.66
CA ILE A 254 -4.26 -8.90 -23.74
C ILE A 254 -4.94 -10.09 -24.37
N GLN A 255 -4.84 -10.28 -25.70
CA GLN A 255 -5.35 -11.51 -26.28
C GLN A 255 -4.64 -12.74 -25.68
N TYR A 256 -3.33 -12.66 -25.50
CA TYR A 256 -2.59 -13.77 -24.92
C TYR A 256 -3.01 -14.03 -23.48
N THR A 257 -3.24 -12.96 -22.71
CA THR A 257 -3.76 -13.14 -21.36
C THR A 257 -5.13 -13.80 -21.38
N LEU A 258 -5.96 -13.46 -22.37
CA LEU A 258 -7.25 -14.13 -22.49
C LEU A 258 -7.10 -15.62 -22.75
N LYS A 259 -6.17 -16.00 -23.63
CA LYS A 259 -5.95 -17.41 -23.92
C LYS A 259 -5.46 -18.17 -22.69
N LEU A 260 -4.48 -17.59 -21.99
CA LEU A 260 -3.98 -18.24 -20.77
C LEU A 260 -5.05 -18.26 -19.68
N GLY A 261 -5.96 -17.28 -19.68
CA GLY A 261 -7.08 -17.34 -18.76
C GLY A 261 -8.04 -18.47 -19.08
N TYR A 262 -8.25 -18.73 -20.37
CA TYR A 262 -9.04 -19.89 -20.75
C TYR A 262 -8.38 -21.17 -20.25
N LYS A 263 -7.07 -21.28 -20.42
CA LYS A 263 -6.37 -22.46 -19.91
C LYS A 263 -6.47 -22.56 -18.40
N ALA A 264 -6.38 -21.43 -17.70
CA ALA A 264 -6.51 -21.43 -16.25
C ALA A 264 -7.89 -21.89 -15.81
N GLY A 265 -8.93 -21.42 -16.50
CA GLY A 265 -10.28 -21.89 -16.22
C GLY A 265 -10.43 -23.38 -16.46
N MET A 266 -9.76 -23.89 -17.49
CA MET A 266 -9.70 -25.33 -17.69
C MET A 266 -9.04 -26.01 -16.49
N ALA A 267 -7.96 -25.42 -15.97
CA ALA A 267 -7.28 -25.99 -14.82
C ALA A 267 -8.17 -26.02 -13.59
N LYS A 268 -9.10 -25.06 -13.48
CA LYS A 268 -10.08 -25.08 -12.39
C LYS A 268 -11.13 -26.16 -12.59
N GLY A 269 -10.96 -27.01 -13.61
CA GLY A 269 -11.89 -28.08 -13.93
C GLY A 269 -11.41 -29.41 -13.42
N LEU A 270 -10.74 -30.18 -14.29
CA LEU A 270 -10.30 -31.54 -14.04
C LEU A 270 -9.72 -31.76 -12.64
N GLY A 271 -9.09 -30.73 -12.06
CA GLY A 271 -8.55 -30.90 -10.71
C GLY A 271 -9.62 -31.20 -9.69
N LEU A 272 -10.61 -30.31 -9.57
CA LEU A 272 -11.68 -30.51 -8.59
C LEU A 272 -12.49 -31.75 -8.91
N GLY A 273 -12.80 -31.98 -10.19
CA GLY A 273 -13.56 -33.16 -10.56
C GLY A 273 -12.85 -34.45 -10.21
N CYS A 274 -11.56 -34.53 -10.52
CA CYS A 274 -10.79 -35.73 -10.20
C CYS A 274 -10.68 -35.92 -8.69
N THR A 275 -10.47 -34.84 -7.94
CA THR A 275 -10.43 -34.98 -6.48
C THR A 275 -11.75 -35.52 -5.94
N TYR A 276 -12.87 -35.00 -6.45
CA TYR A 276 -14.17 -35.46 -5.96
C TYR A 276 -14.42 -36.90 -6.37
N GLY A 277 -13.97 -37.29 -7.57
CA GLY A 277 -14.13 -38.66 -8.00
C GLY A 277 -13.32 -39.64 -7.16
N ILE A 278 -12.08 -39.27 -6.84
CA ILE A 278 -11.28 -40.11 -5.96
C ILE A 278 -11.92 -40.20 -4.59
N ALA A 279 -12.47 -39.09 -4.09
CA ALA A 279 -13.15 -39.13 -2.80
C ALA A 279 -14.35 -40.09 -2.85
N CYS A 280 -15.15 -40.01 -3.91
CA CYS A 280 -16.31 -40.88 -4.02
C CYS A 280 -15.91 -42.34 -4.10
N MET A 281 -14.85 -42.63 -4.87
CA MET A 281 -14.35 -44.01 -4.96
C MET A 281 -13.88 -44.50 -3.60
N SER A 282 -13.17 -43.65 -2.85
CA SER A 282 -12.69 -44.04 -1.53
C SER A 282 -13.86 -44.32 -0.59
N TRP A 283 -14.89 -43.47 -0.63
CA TRP A 283 -16.06 -43.71 0.20
C TRP A 283 -16.73 -45.03 -0.16
N ALA A 284 -16.84 -45.32 -1.46
CA ALA A 284 -17.44 -46.58 -1.88
C ALA A 284 -16.63 -47.77 -1.37
N LEU A 285 -15.31 -47.69 -1.49
CA LEU A 285 -14.45 -48.79 -1.05
C LEU A 285 -14.57 -49.02 0.46
N VAL A 286 -14.54 -47.93 1.24
CA VAL A 286 -14.56 -48.10 2.68
C VAL A 286 -15.91 -48.61 3.14
N PHE A 287 -17.00 -48.15 2.51
CA PHE A 287 -18.32 -48.70 2.87
C PHE A 287 -18.45 -50.16 2.44
N TRP A 288 -17.87 -50.54 1.31
CA TRP A 288 -17.93 -51.94 0.91
C TRP A 288 -17.17 -52.84 1.89
N TYR A 289 -16.00 -52.40 2.34
CA TYR A 289 -15.28 -53.17 3.35
C TYR A 289 -16.03 -53.20 4.68
N ALA A 290 -16.67 -52.10 5.05
CA ALA A 290 -17.50 -52.12 6.25
C ALA A 290 -18.63 -53.13 6.11
N GLY A 291 -19.25 -53.19 4.94
CA GLY A 291 -20.33 -54.14 4.70
C GLY A 291 -19.88 -55.58 4.61
N VAL A 292 -18.62 -55.83 4.24
CA VAL A 292 -18.17 -57.21 4.24
C VAL A 292 -17.70 -57.63 5.63
N PHE A 293 -17.23 -56.67 6.44
CA PHE A 293 -16.90 -56.99 7.82
C PHE A 293 -18.14 -57.16 8.69
N ILE A 294 -19.22 -56.43 8.39
CA ILE A 294 -20.41 -56.49 9.25
C ILE A 294 -21.08 -57.85 9.18
N ARG A 295 -21.09 -58.49 8.01
CA ARG A 295 -21.75 -59.79 7.88
C ARG A 295 -20.89 -60.91 8.45
N ASN A 296 -19.58 -60.69 8.59
CA ASN A 296 -18.73 -61.69 9.22
C ASN A 296 -19.11 -61.89 10.69
N GLY A 297 -19.42 -60.81 11.39
CA GLY A 297 -19.81 -60.90 12.79
C GLY A 297 -18.82 -60.24 13.72
N GLN A 298 -18.02 -59.32 13.19
CA GLN A 298 -16.99 -58.67 13.99
C GLN A 298 -17.56 -57.49 14.78
N THR A 299 -18.07 -56.49 14.07
CA THR A 299 -18.51 -55.24 14.68
C THR A 299 -20.01 -55.05 14.45
N ASP A 300 -20.49 -53.87 14.82
CA ASP A 300 -21.88 -53.47 14.61
C ASP A 300 -21.94 -52.23 13.72
N GLY A 301 -23.16 -51.89 13.29
CA GLY A 301 -23.33 -50.74 12.43
C GLY A 301 -22.95 -49.43 13.09
N GLY A 302 -23.14 -49.31 14.40
CA GLY A 302 -22.80 -48.09 15.11
C GLY A 302 -21.35 -47.93 15.48
N LYS A 303 -20.52 -48.92 15.18
CA LYS A 303 -19.09 -48.85 15.47
C LYS A 303 -18.23 -48.65 14.23
N ALA A 304 -18.56 -49.32 13.13
CA ALA A 304 -17.82 -49.12 11.89
C ALA A 304 -17.95 -47.69 11.40
N PHE A 305 -19.16 -47.14 11.48
CA PHE A 305 -19.38 -45.74 11.10
C PHE A 305 -18.55 -44.80 11.96
N THR A 306 -18.56 -45.03 13.28
CA THR A 306 -17.78 -44.18 14.18
C THR A 306 -16.30 -44.24 13.86
N ALA A 307 -15.77 -45.45 13.67
CA ALA A 307 -14.35 -45.58 13.34
C ALA A 307 -14.02 -44.89 12.03
N ILE A 308 -14.85 -45.09 11.01
CA ILE A 308 -14.59 -44.49 9.70
C ILE A 308 -14.55 -42.98 9.80
N PHE A 309 -15.58 -42.39 10.40
CA PHE A 309 -15.65 -40.93 10.43
C PHE A 309 -14.58 -40.33 11.33
N SER A 310 -14.30 -40.97 12.47
CA SER A 310 -13.25 -40.47 13.34
C SER A 310 -11.90 -40.49 12.64
N ALA A 311 -11.59 -41.58 11.94
CA ALA A 311 -10.32 -41.65 11.22
C ALA A 311 -10.25 -40.63 10.10
N ILE A 312 -11.37 -40.44 9.38
CA ILE A 312 -11.38 -39.47 8.29
C ILE A 312 -11.12 -38.07 8.82
N VAL A 313 -11.80 -37.69 9.89
CA VAL A 313 -11.63 -36.34 10.44
C VAL A 313 -10.23 -36.17 11.00
N GLY A 314 -9.71 -37.19 11.70
CA GLY A 314 -8.35 -37.10 12.21
C GLY A 314 -7.32 -36.92 11.11
N GLY A 315 -7.48 -37.66 10.02
CA GLY A 315 -6.57 -37.51 8.90
C GLY A 315 -6.67 -36.15 8.24
N MET A 316 -7.89 -35.65 8.06
CA MET A 316 -8.08 -34.38 7.36
C MET A 316 -7.70 -33.17 8.21
N SER A 317 -7.68 -33.31 9.54
CA SER A 317 -7.38 -32.15 10.37
C SER A 317 -5.89 -31.76 10.34
N LEU A 318 -5.00 -32.70 10.04
CA LEU A 318 -3.58 -32.41 10.07
C LEU A 318 -3.20 -31.38 9.02
N GLY A 319 -3.86 -31.40 7.87
CA GLY A 319 -3.59 -30.40 6.85
C GLY A 319 -3.87 -28.99 7.32
N GLN A 320 -4.98 -28.80 8.02
CA GLN A 320 -5.27 -27.50 8.61
C GLN A 320 -4.31 -27.20 9.75
N SER A 321 -3.89 -28.23 10.49
CA SER A 321 -2.92 -28.02 11.58
C SER A 321 -1.62 -27.42 11.06
N PHE A 322 -1.10 -27.95 9.95
CA PHE A 322 0.16 -27.46 9.41
C PHE A 322 0.01 -26.20 8.57
N SER A 323 -1.22 -25.72 8.34
CA SER A 323 -1.38 -24.48 7.58
C SER A 323 -0.96 -23.26 8.38
N ASN A 324 -0.80 -23.38 9.69
CA ASN A 324 -0.40 -22.24 10.52
C ASN A 324 1.11 -22.03 10.55
N LEU A 325 1.90 -22.96 10.00
CA LEU A 325 3.35 -22.82 10.03
C LEU A 325 3.84 -21.72 9.11
N GLY A 326 2.99 -21.20 8.23
CA GLY A 326 3.42 -20.13 7.33
C GLY A 326 3.77 -18.86 8.06
N ALA A 327 2.94 -18.44 9.02
CA ALA A 327 3.18 -17.20 9.73
C ALA A 327 4.24 -17.32 10.81
N PHE A 328 4.56 -18.54 11.24
CA PHE A 328 5.52 -18.71 12.32
C PHE A 328 6.92 -18.25 11.91
N SER A 329 7.34 -18.55 10.68
CA SER A 329 8.65 -18.12 10.22
C SER A 329 8.74 -16.61 10.16
N LYS A 330 7.70 -15.95 9.64
CA LYS A 330 7.69 -14.49 9.60
C LYS A 330 7.73 -13.91 11.00
N GLY A 331 6.97 -14.51 11.93
CA GLY A 331 7.01 -14.04 13.31
C GLY A 331 8.38 -14.19 13.93
N LYS A 332 9.05 -15.31 13.66
CA LYS A 332 10.38 -15.54 14.19
C LYS A 332 11.37 -14.50 13.67
N ALA A 333 11.33 -14.25 12.36
CA ALA A 333 12.22 -13.25 11.77
C ALA A 333 11.93 -11.87 12.34
N ALA A 334 10.65 -11.54 12.49
CA ALA A 334 10.28 -10.25 13.05
C ALA A 334 10.79 -10.09 14.48
N GLY A 335 10.66 -11.14 15.29
CA GLY A 335 11.17 -11.09 16.64
C GLY A 335 12.68 -10.92 16.67
N TYR A 336 13.38 -11.59 15.76
CA TYR A 336 14.83 -11.40 15.69
C TYR A 336 15.18 -9.96 15.33
N LYS A 337 14.43 -9.38 14.38
CA LYS A 337 14.69 -8.00 13.99
C LYS A 337 14.49 -7.04 15.17
N LEU A 338 13.42 -7.25 15.95
CA LEU A 338 13.22 -6.40 17.12
C LEU A 338 14.27 -6.64 18.18
N MET A 339 14.71 -7.87 18.38
CA MET A 339 15.68 -8.15 19.44
C MET A 339 17.09 -7.84 18.94
N GLU A 340 17.25 -6.68 18.31
CA GLU A 340 18.55 -6.17 17.90
C GLU A 340 18.86 -4.83 18.55
N ILE A 341 17.89 -3.90 18.53
CA ILE A 341 18.08 -2.62 19.18
C ILE A 341 17.93 -2.76 20.69
N ILE A 342 17.17 -3.76 21.14
CA ILE A 342 16.91 -3.93 22.57
C ILE A 342 18.21 -4.16 23.33
N ASN A 343 19.07 -5.02 22.81
CA ASN A 343 20.31 -5.40 23.49
C ASN A 343 21.51 -4.59 23.02
N GLN A 344 21.31 -3.57 22.20
CA GLN A 344 22.40 -2.72 21.76
C GLN A 344 22.91 -1.87 22.91
N ARG A 345 24.23 -1.70 22.98
CA ARG A 345 24.85 -0.89 24.01
C ARG A 345 25.16 0.50 23.45
N PRO A 346 24.63 1.57 24.03
CA PRO A 346 24.89 2.90 23.47
C PRO A 346 26.36 3.27 23.57
N THR A 347 26.86 3.96 22.54
CA THR A 347 28.25 4.41 22.54
C THR A 347 28.50 5.42 23.65
N ILE A 348 27.58 6.36 23.82
CA ILE A 348 27.69 7.37 24.87
C ILE A 348 26.91 6.89 26.09
N ILE A 349 27.58 6.83 27.23
CA ILE A 349 26.99 6.34 28.47
C ILE A 349 26.70 7.54 29.36
N GLN A 350 25.45 7.65 29.80
CA GLN A 350 25.02 8.76 30.67
C GLN A 350 25.22 8.31 32.11
N ASP A 351 26.38 8.66 32.68
CA ASP A 351 26.71 8.28 34.06
C ASP A 351 26.67 9.51 34.96
N PRO A 352 25.64 9.67 35.78
CA PRO A 352 25.60 10.82 36.69
C PRO A 352 26.74 10.83 37.69
N LEU A 353 27.22 9.66 38.11
CA LEU A 353 28.31 9.61 39.09
C LEU A 353 29.60 10.18 38.52
N ASP A 354 29.90 9.86 37.26
CA ASP A 354 31.14 10.34 36.66
C ASP A 354 31.15 11.85 36.46
N GLY A 355 30.01 12.43 36.11
CA GLY A 355 29.95 13.86 35.88
C GLY A 355 29.53 14.65 37.11
N LYS A 356 30.35 15.61 37.49
CA LYS A 356 30.08 16.44 38.66
C LYS A 356 29.26 17.65 38.22
N CYS A 357 28.06 17.79 38.80
CA CYS A 357 27.18 18.90 38.46
C CYS A 357 27.82 20.23 38.83
N LEU A 358 28.12 21.05 37.84
CA LEU A 358 28.78 22.34 38.04
C LEU A 358 27.77 23.48 37.91
N ASP A 359 28.26 24.69 38.09
CA ASP A 359 27.42 25.89 38.06
C ASP A 359 28.26 27.04 37.51
N GLN A 360 27.79 28.26 37.73
CA GLN A 360 28.39 29.50 37.21
C GLN A 360 28.85 29.34 35.76
N VAL A 361 27.89 28.96 34.92
CA VAL A 361 28.16 28.84 33.48
C VAL A 361 28.52 30.20 32.92
N HIS A 362 29.48 30.22 32.00
CA HIS A 362 29.95 31.45 31.39
C HIS A 362 29.66 31.52 29.89
N GLY A 363 29.87 30.42 29.16
CA GLY A 363 29.61 30.41 27.73
C GLY A 363 30.87 30.35 26.89
N ASN A 364 31.92 29.73 27.43
CA ASN A 364 33.20 29.59 26.73
C ASN A 364 33.24 28.22 26.05
N ILE A 365 33.23 28.22 24.72
CA ILE A 365 33.36 27.00 23.92
C ILE A 365 34.59 27.15 23.04
N GLU A 366 35.51 26.21 23.17
CA GLU A 366 36.74 26.27 22.38
C GLU A 366 37.08 24.88 21.85
N PHE A 367 37.52 24.88 20.59
CA PHE A 367 37.97 23.70 19.86
C PHE A 367 39.47 23.54 20.04
N LYS A 368 39.94 22.30 20.11
CA LYS A 368 41.37 22.01 20.12
C LYS A 368 41.66 20.99 19.00
N ASP A 369 41.86 21.50 17.79
CA ASP A 369 42.16 20.68 16.62
C ASP A 369 41.15 19.55 16.45
N VAL A 370 39.88 19.91 16.50
CA VAL A 370 38.80 18.93 16.46
C VAL A 370 38.58 18.51 15.02
N THR A 371 39.09 17.34 14.65
CA THR A 371 38.88 16.76 13.33
C THR A 371 38.04 15.51 13.49
N PHE A 372 36.89 15.48 12.81
CA PHE A 372 35.94 14.38 12.94
C PHE A 372 35.44 13.96 11.57
N SER A 373 35.14 12.67 11.44
CA SER A 373 34.56 12.10 10.24
C SER A 373 33.37 11.24 10.62
N TYR A 374 32.35 11.23 9.76
CA TYR A 374 31.14 10.49 10.06
C TYR A 374 31.44 9.00 10.12
N PRO A 375 30.98 8.28 11.15
CA PRO A 375 31.24 6.83 11.22
C PRO A 375 30.66 6.06 10.05
N SER A 376 29.53 6.50 9.49
CA SER A 376 28.95 5.82 8.34
C SER A 376 29.86 5.91 7.12
N ARG A 377 30.43 7.09 6.87
CA ARG A 377 31.32 7.33 5.74
C ARG A 377 32.59 7.99 6.27
N PRO A 378 33.52 7.21 6.82
CA PRO A 378 34.75 7.79 7.37
C PRO A 378 35.76 8.20 6.31
N ASP A 379 35.52 7.86 5.03
CA ASP A 379 36.49 8.19 3.99
C ASP A 379 36.67 9.70 3.85
N VAL A 380 35.57 10.44 3.88
CA VAL A 380 35.64 11.89 3.75
C VAL A 380 36.04 12.50 5.09
N MET A 381 36.63 13.69 5.02
CA MET A 381 37.01 14.44 6.21
C MET A 381 36.22 15.75 6.24
N ILE A 382 35.75 16.12 7.43
CA ILE A 382 34.81 17.21 7.60
C ILE A 382 35.49 18.43 8.24
N PHE A 383 36.26 18.22 9.30
CA PHE A 383 36.71 19.32 10.14
C PHE A 383 38.21 19.23 10.38
N ARG A 384 38.98 19.04 9.30
CA ARG A 384 40.44 18.96 9.41
C ARG A 384 41.01 20.29 9.90
N ASN A 385 41.68 20.25 11.05
CA ASN A 385 42.32 21.42 11.66
C ASN A 385 41.29 22.51 11.97
N PHE A 386 40.38 22.19 12.87
CA PHE A 386 39.33 23.10 13.28
C PHE A 386 39.68 23.71 14.63
N ASN A 387 39.80 25.05 14.66
CA ASN A 387 40.16 25.75 15.88
C ASN A 387 39.62 27.18 15.79
N ILE A 388 38.43 27.41 16.36
CA ILE A 388 37.86 28.74 16.51
C ILE A 388 37.33 28.89 17.92
N PHE A 389 37.57 30.05 18.51
CA PHE A 389 37.21 30.35 19.90
C PHE A 389 35.86 31.05 19.95
N PHE A 390 35.00 30.61 20.87
CA PHE A 390 33.70 31.24 21.07
C PHE A 390 33.70 32.04 22.36
N PRO A 391 33.64 33.37 22.29
CA PRO A 391 33.66 34.17 23.53
C PRO A 391 32.39 33.99 24.35
N SER A 392 32.54 34.19 25.66
CA SER A 392 31.41 34.07 26.59
C SER A 392 30.51 35.30 26.49
N GLY A 393 29.20 35.06 26.41
CA GLY A 393 28.25 36.15 26.32
C GLY A 393 28.44 37.02 25.10
N LYS A 394 28.82 36.42 23.98
CA LYS A 394 29.12 37.17 22.77
C LYS A 394 28.59 36.41 21.57
N THR A 395 28.22 37.14 20.52
CA THR A 395 27.58 36.56 19.35
C THR A 395 28.60 36.30 18.25
N VAL A 396 28.61 35.07 17.74
CA VAL A 396 29.48 34.69 16.64
C VAL A 396 28.66 33.88 15.64
N ALA A 397 29.17 33.77 14.41
CA ALA A 397 28.51 33.01 13.38
C ALA A 397 29.54 32.42 12.42
N VAL A 398 29.17 31.31 11.79
CA VAL A 398 30.02 30.65 10.81
C VAL A 398 29.18 30.46 9.54
N VAL A 399 29.74 30.86 8.40
CA VAL A 399 29.07 30.76 7.11
C VAL A 399 29.97 30.01 6.15
N GLY A 400 29.38 29.09 5.39
CA GLY A 400 30.10 28.31 4.42
C GLY A 400 29.88 28.80 3.00
N GLY A 401 30.81 28.42 2.11
CA GLY A 401 30.67 28.82 0.72
C GLY A 401 29.48 28.17 0.03
N SER A 402 29.20 26.92 0.37
CA SER A 402 28.07 26.19 -0.21
C SER A 402 27.57 25.18 0.82
N GLY A 403 26.71 24.28 0.38
CA GLY A 403 26.17 23.26 1.26
C GLY A 403 27.05 22.04 1.36
N SER A 404 28.33 22.25 1.68
CA SER A 404 29.28 21.15 1.83
C SER A 404 29.34 20.67 3.27
N GLY A 405 28.22 20.12 3.73
CA GLY A 405 28.12 19.67 5.11
C GLY A 405 28.25 20.78 6.13
N LYS A 406 27.60 21.92 5.86
CA LYS A 406 27.71 23.06 6.77
C LYS A 406 27.08 22.76 8.13
N SER A 407 25.92 22.11 8.13
CA SER A 407 25.20 21.82 9.37
C SER A 407 25.85 20.63 10.07
N THR A 408 27.03 20.87 10.62
CA THR A 408 27.80 19.84 11.29
C THR A 408 28.22 20.29 12.68
N VAL A 409 28.39 21.62 12.85
CA VAL A 409 28.80 22.15 14.14
C VAL A 409 27.71 21.95 15.18
N VAL A 410 26.44 22.04 14.78
CA VAL A 410 25.33 21.89 15.72
C VAL A 410 25.35 20.50 16.34
N SER A 411 25.58 19.48 15.51
CA SER A 411 25.64 18.11 16.02
C SER A 411 26.80 17.93 16.98
N LEU A 412 27.95 18.53 16.68
CA LEU A 412 29.12 18.34 17.52
C LEU A 412 28.98 19.05 18.87
N ILE A 413 28.45 20.27 18.86
CA ILE A 413 28.34 21.03 20.11
C ILE A 413 27.36 20.36 21.07
N GLU A 414 26.25 19.85 20.54
CA GLU A 414 25.22 19.26 21.38
C GLU A 414 25.53 17.81 21.77
N ARG A 415 26.70 17.30 21.37
CA ARG A 415 27.15 15.94 21.72
C ARG A 415 26.24 14.88 21.09
N PHE A 416 26.15 14.93 19.76
CA PHE A 416 25.52 13.85 19.02
C PHE A 416 26.54 12.89 18.41
N TYR A 417 27.77 13.33 18.22
CA TYR A 417 28.85 12.48 17.73
C TYR A 417 30.07 12.67 18.62
N ASP A 418 30.65 11.57 19.06
CA ASP A 418 31.83 11.64 19.92
C ASP A 418 33.04 12.08 19.11
N PRO A 419 33.76 13.12 19.52
CA PRO A 419 34.91 13.59 18.74
C PRO A 419 36.07 12.60 18.78
N ASN A 420 36.33 11.95 17.64
CA ASN A 420 37.41 10.98 17.56
C ASN A 420 38.77 11.66 17.75
N SER A 421 38.97 12.82 17.15
CA SER A 421 40.21 13.57 17.25
C SER A 421 39.88 15.02 17.57
N GLY A 422 40.37 15.50 18.71
CA GLY A 422 40.11 16.86 19.12
C GLY A 422 39.48 16.96 20.50
N GLN A 423 39.30 18.16 21.00
CA GLN A 423 38.70 18.37 22.32
C GLN A 423 37.84 19.63 22.30
N ILE A 424 36.71 19.58 23.01
CA ILE A 424 35.84 20.72 23.19
C ILE A 424 35.84 21.08 24.67
N LEU A 425 36.15 22.34 24.97
CA LEU A 425 36.21 22.81 26.35
C LEU A 425 35.06 23.77 26.62
N LEU A 426 34.29 23.48 27.67
CA LEU A 426 33.19 24.33 28.11
C LEU A 426 33.62 25.05 29.39
N ASP A 427 33.90 26.34 29.28
CA ASP A 427 34.36 27.16 30.40
C ASP A 427 35.61 26.55 31.04
N GLY A 428 36.48 26.00 30.20
CA GLY A 428 37.68 25.35 30.67
C GLY A 428 37.50 23.94 31.18
N VAL A 429 36.29 23.38 31.07
CA VAL A 429 35.99 22.04 31.54
C VAL A 429 35.58 21.19 30.34
N GLU A 430 36.18 20.01 30.22
CA GLU A 430 35.88 19.13 29.10
C GLU A 430 34.45 18.61 29.18
N ILE A 431 33.78 18.56 28.03
CA ILE A 431 32.40 18.08 27.98
C ILE A 431 32.34 16.59 28.30
N LYS A 432 33.39 15.84 27.92
CA LYS A 432 33.39 14.40 28.19
C LYS A 432 33.43 14.09 29.68
N THR A 433 33.89 15.03 30.50
CA THR A 433 33.92 14.84 31.95
C THR A 433 32.61 15.26 32.62
N LEU A 434 31.52 15.37 31.87
CA LEU A 434 30.25 15.84 32.40
C LEU A 434 29.14 14.89 31.99
N GLN A 435 28.15 14.76 32.86
CA GLN A 435 26.99 13.91 32.57
C GLN A 435 26.04 14.62 31.62
N LEU A 436 25.31 13.82 30.83
CA LEU A 436 24.38 14.35 29.85
C LEU A 436 22.98 14.50 30.42
N LYS A 437 22.88 15.19 31.57
CA LYS A 437 21.60 15.47 32.19
C LYS A 437 21.31 16.96 32.31
N PHE A 438 22.23 17.74 32.89
CA PHE A 438 22.05 19.17 33.03
C PHE A 438 22.81 19.97 31.99
N LEU A 439 23.60 19.31 31.13
CA LEU A 439 24.33 20.03 30.11
C LEU A 439 23.42 20.48 28.98
N ARG A 440 22.43 19.66 28.63
CA ARG A 440 21.59 19.95 27.46
C ARG A 440 20.69 21.15 27.69
N GLU A 441 20.41 21.49 28.95
CA GLU A 441 19.55 22.64 29.23
C GLU A 441 20.19 23.95 28.77
N GLN A 442 21.52 24.04 28.84
CA GLN A 442 22.21 25.29 28.53
C GLN A 442 22.23 25.62 27.05
N ILE A 443 21.80 24.70 26.18
CA ILE A 443 21.84 24.91 24.73
C ILE A 443 20.41 24.81 24.20
N GLY A 444 20.01 25.81 23.42
CA GLY A 444 18.72 25.81 22.75
C GLY A 444 18.93 25.67 21.25
N LEU A 445 18.10 24.81 20.64
CA LEU A 445 18.22 24.48 19.23
C LEU A 445 16.96 24.91 18.48
N VAL A 446 17.16 25.60 17.36
CA VAL A 446 16.10 25.87 16.38
C VAL A 446 16.69 25.51 15.02
N ASN A 447 16.44 24.29 14.57
CA ASN A 447 17.03 23.79 13.34
C ASN A 447 16.15 24.17 12.14
N GLN A 448 16.45 23.58 10.98
CA GLN A 448 15.68 23.83 9.77
C GLN A 448 14.36 23.09 9.86
N GLU A 449 13.26 23.83 9.85
CA GLU A 449 11.92 23.28 9.97
C GLU A 449 11.82 22.39 11.21
N PRO A 450 11.81 22.97 12.41
CA PRO A 450 11.57 22.15 13.60
C PRO A 450 10.14 21.67 13.65
N ALA A 451 9.93 20.39 13.39
CA ALA A 451 8.59 19.84 13.34
C ALA A 451 7.95 19.87 14.72
N LEU A 452 6.73 20.40 14.79
CA LEU A 452 6.00 20.43 16.05
C LEU A 452 5.42 19.04 16.34
N PHE A 453 4.75 18.91 17.46
CA PHE A 453 4.14 17.66 17.87
C PHE A 453 2.62 17.76 17.78
N ALA A 454 2.00 16.67 17.35
CA ALA A 454 0.55 16.64 17.11
C ALA A 454 -0.22 16.54 18.43
N THR A 455 -0.02 17.56 19.27
CA THR A 455 -0.71 17.68 20.54
C THR A 455 -1.22 19.11 20.66
N THR A 456 -1.74 19.45 21.84
CA THR A 456 -2.21 20.80 22.08
C THR A 456 -1.03 21.76 22.14
N ILE A 457 -1.24 22.99 21.63
CA ILE A 457 -0.20 24.00 21.64
C ILE A 457 0.16 24.41 23.06
N LEU A 458 -0.76 24.24 24.01
CA LEU A 458 -0.49 24.63 25.39
C LEU A 458 0.69 23.89 25.97
N GLU A 459 0.74 22.57 25.80
CA GLU A 459 1.80 21.75 26.37
C GLU A 459 3.04 21.69 25.49
N ASN A 460 2.98 22.24 24.28
CA ASN A 460 4.18 22.33 23.46
C ASN A 460 5.22 23.24 24.11
N ILE A 461 4.77 24.33 24.73
CA ILE A 461 5.68 25.22 25.45
C ILE A 461 6.30 24.49 26.63
N LEU A 462 5.55 23.60 27.27
CA LEU A 462 5.98 22.97 28.51
C LEU A 462 7.21 22.07 28.34
N TYR A 463 7.60 21.76 27.10
CA TYR A 463 8.79 20.94 26.89
C TYR A 463 10.03 21.60 27.47
N GLY A 464 10.12 22.94 27.40
CA GLY A 464 11.28 23.61 27.97
C GLY A 464 11.38 23.42 29.47
N LYS A 465 10.26 23.58 30.18
CA LYS A 465 10.20 23.33 31.61
C LYS A 465 8.90 22.62 31.95
N PRO A 466 8.96 21.37 32.43
CA PRO A 466 7.71 20.66 32.77
C PRO A 466 6.89 21.38 33.83
N ASP A 467 7.54 22.03 34.79
CA ASP A 467 6.85 22.78 35.84
C ASP A 467 6.89 24.25 35.46
N ALA A 468 5.77 24.75 34.95
CA ALA A 468 5.65 26.16 34.58
C ALA A 468 4.18 26.56 34.70
N THR A 469 3.96 27.87 34.76
CA THR A 469 2.61 28.41 34.87
C THR A 469 2.28 29.21 33.61
N MET A 470 1.08 29.78 33.59
CA MET A 470 0.57 30.41 32.38
C MET A 470 1.28 31.73 32.10
N VAL A 471 1.66 32.47 33.13
CA VAL A 471 2.22 33.82 32.95
C VAL A 471 3.54 33.77 32.18
N GLU A 472 4.43 32.84 32.54
CA GLU A 472 5.70 32.77 31.82
C GLU A 472 5.48 32.31 30.38
N VAL A 473 4.49 31.46 30.14
CA VAL A 473 4.15 31.07 28.77
C VAL A 473 3.71 32.30 27.97
N GLU A 474 2.87 33.14 28.57
CA GLU A 474 2.40 34.34 27.87
C GLU A 474 3.56 35.30 27.63
N ALA A 475 4.46 35.44 28.61
CA ALA A 475 5.62 36.30 28.42
C ALA A 475 6.50 35.81 27.28
N ALA A 476 6.73 34.50 27.22
CA ALA A 476 7.53 33.93 26.13
C ALA A 476 6.85 34.13 24.79
N ALA A 477 5.52 33.96 24.74
CA ALA A 477 4.79 34.17 23.49
C ALA A 477 4.89 35.63 23.04
N SER A 478 4.77 36.57 23.98
CA SER A 478 4.90 37.99 23.62
C SER A 478 6.31 38.34 23.19
N ALA A 479 7.32 37.69 23.79
CA ALA A 479 8.70 37.94 23.39
C ALA A 479 8.93 37.54 21.94
N ALA A 480 8.36 36.41 21.52
CA ALA A 480 8.48 35.95 20.15
C ALA A 480 7.28 36.32 19.29
N ASN A 481 6.39 37.17 19.79
CA ASN A 481 5.20 37.59 19.07
C ASN A 481 4.35 36.40 18.64
N ALA A 482 4.20 35.43 19.53
CA ALA A 482 3.41 34.23 19.24
C ALA A 482 1.94 34.53 19.54
N HIS A 483 1.37 35.41 18.72
CA HIS A 483 -0.02 35.79 18.84
C HIS A 483 -0.80 35.76 17.53
N SER A 484 -0.14 35.91 16.38
CA SER A 484 -0.83 35.89 15.09
C SER A 484 -1.35 34.51 14.72
N PHE A 485 -0.88 33.45 15.39
CA PHE A 485 -1.39 32.11 15.19
C PHE A 485 -2.02 31.53 16.45
N ILE A 486 -2.14 32.30 17.52
CA ILE A 486 -2.56 31.79 18.83
C ILE A 486 -3.76 32.56 19.37
N THR A 487 -3.68 33.89 19.40
CA THR A 487 -4.74 34.68 20.02
C THR A 487 -6.06 34.53 19.29
N LEU A 488 -6.03 34.62 17.96
CA LEU A 488 -7.25 34.52 17.15
C LEU A 488 -7.51 33.09 16.69
N LEU A 489 -7.51 32.16 17.65
CA LEU A 489 -7.80 30.76 17.40
C LEU A 489 -9.25 30.45 17.72
N PRO A 490 -9.82 29.41 17.10
CA PRO A 490 -11.21 29.05 17.41
C PRO A 490 -11.42 28.71 18.88
N LYS A 491 -10.43 28.11 19.54
CA LYS A 491 -10.51 27.80 20.95
C LYS A 491 -9.19 28.15 21.62
N GLY A 492 -9.26 28.45 22.91
CA GLY A 492 -8.10 28.93 23.65
C GLY A 492 -7.03 27.88 23.91
N TYR A 493 -5.85 28.08 23.31
CA TYR A 493 -4.68 27.26 23.58
C TYR A 493 -4.94 25.77 23.33
N ASP A 494 -5.69 25.47 22.27
CA ASP A 494 -6.05 24.10 21.95
C ASP A 494 -6.07 23.94 20.43
N THR A 495 -5.06 23.28 19.89
CA THR A 495 -4.97 23.04 18.45
C THR A 495 -4.01 21.89 18.21
N GLN A 496 -4.44 20.90 17.43
CA GLN A 496 -3.62 19.74 17.09
C GLN A 496 -3.12 19.90 15.66
N VAL A 497 -1.81 20.11 15.51
CA VAL A 497 -1.24 20.32 14.18
C VAL A 497 -1.39 19.07 13.32
N GLY A 498 -1.30 17.88 13.92
CA GLY A 498 -1.50 16.65 13.17
C GLY A 498 -2.92 16.51 12.66
N GLU A 499 -3.90 16.97 13.42
CA GLU A 499 -5.29 16.89 13.01
C GLU A 499 -5.54 17.76 11.79
N ARG A 500 -6.31 17.24 10.84
CA ARG A 500 -6.51 17.93 9.57
C ARG A 500 -7.36 19.19 9.75
N GLY A 501 -8.38 19.13 10.61
CA GLY A 501 -9.29 20.25 10.76
C GLY A 501 -8.62 21.52 11.26
N VAL A 502 -7.66 21.37 12.19
CA VAL A 502 -6.97 22.53 12.75
C VAL A 502 -5.51 22.52 12.32
N GLN A 503 -5.24 21.94 11.14
CA GLN A 503 -3.91 22.01 10.55
C GLN A 503 -3.59 23.46 10.20
N LEU A 504 -2.68 24.06 10.95
CA LEU A 504 -2.37 25.49 10.83
C LEU A 504 -0.95 25.73 10.35
N SER A 505 -0.50 24.93 9.38
CA SER A 505 0.82 25.15 8.80
C SER A 505 0.89 26.51 8.09
N GLY A 506 0.10 26.66 7.02
CA GLY A 506 0.03 27.93 6.31
C GLY A 506 1.36 28.42 5.77
N GLY A 507 2.14 27.52 5.18
CA GLY A 507 3.46 27.89 4.70
C GLY A 507 4.42 28.15 5.83
N GLN A 508 4.78 29.42 6.03
CA GLN A 508 5.61 29.78 7.16
C GLN A 508 4.85 29.61 8.47
N LYS A 509 5.59 29.38 9.54
CA LYS A 509 5.02 29.17 10.86
C LYS A 509 5.68 30.10 11.87
N GLN A 510 4.87 30.70 12.74
CA GLN A 510 5.43 31.43 13.87
C GLN A 510 6.14 30.42 14.77
N ARG A 511 7.47 30.46 14.76
CA ARG A 511 8.26 29.36 15.29
C ARG A 511 8.09 29.26 16.80
N ILE A 512 7.38 28.24 17.25
CA ILE A 512 7.19 28.00 18.68
C ILE A 512 8.50 27.57 19.32
N ALA A 513 9.44 27.07 18.52
CA ALA A 513 10.75 26.70 19.03
C ALA A 513 11.43 27.89 19.71
N ILE A 514 11.20 29.10 19.20
CA ILE A 514 11.76 30.29 19.84
C ILE A 514 11.25 30.42 21.27
N ALA A 515 9.94 30.24 21.45
CA ALA A 515 9.35 30.35 22.79
C ALA A 515 9.84 29.23 23.70
N ARG A 516 9.94 27.99 23.18
CA ARG A 516 10.35 26.88 24.04
C ARG A 516 11.82 26.98 24.39
N ALA A 517 12.62 27.63 23.54
CA ALA A 517 14.01 27.90 23.89
C ALA A 517 14.11 29.03 24.90
N MET A 518 13.30 30.07 24.74
CA MET A 518 13.29 31.17 25.70
C MET A 518 12.82 30.71 27.08
N LEU A 519 11.96 29.70 27.14
CA LEU A 519 11.52 29.18 28.43
C LEU A 519 12.69 28.65 29.24
N LYS A 520 13.62 27.95 28.60
CA LYS A 520 14.83 27.50 29.28
C LYS A 520 15.66 28.65 29.81
N ASP A 521 15.68 29.79 29.11
CA ASP A 521 16.54 30.93 29.41
C ASP A 521 17.98 30.48 29.53
N PRO A 522 18.58 29.93 28.46
CA PRO A 522 19.97 29.49 28.54
C PRO A 522 20.94 30.60 28.17
N LYS A 523 22.24 30.30 28.13
CA LYS A 523 23.24 31.24 27.68
C LYS A 523 23.88 30.83 26.36
N ILE A 524 23.48 29.69 25.80
CA ILE A 524 23.96 29.22 24.50
C ILE A 524 22.75 28.94 23.63
N LEU A 525 22.75 29.47 22.41
CA LEU A 525 21.64 29.30 21.49
C LEU A 525 22.16 28.88 20.12
N LEU A 526 21.38 28.05 19.44
CA LEU A 526 21.73 27.55 18.12
C LEU A 526 20.63 27.90 17.13
N LEU A 527 21.03 28.37 15.95
CA LEU A 527 20.09 28.75 14.91
C LEU A 527 20.62 28.32 13.55
N ASP A 528 19.82 27.55 12.83
CA ASP A 528 20.19 27.09 11.49
C ASP A 528 19.56 28.02 10.44
N GLU A 529 19.66 27.62 9.17
CA GLU A 529 19.21 28.45 8.06
C GLU A 529 17.68 28.47 7.97
N ALA A 530 17.06 29.02 9.01
CA ALA A 530 15.60 29.00 9.10
C ALA A 530 14.98 30.15 8.31
N THR A 531 15.41 30.31 7.06
CA THR A 531 14.77 31.24 6.11
C THR A 531 14.73 30.52 4.76
N SER A 532 13.66 29.77 4.52
CA SER A 532 13.49 29.05 3.26
C SER A 532 12.04 29.00 2.82
N ALA A 533 11.27 30.04 3.15
CA ALA A 533 9.83 30.06 2.89
C ALA A 533 9.42 31.39 2.25
N LEU A 534 10.15 31.78 1.21
CA LEU A 534 9.84 33.00 0.43
C LEU A 534 9.84 34.22 1.35
N ASP A 535 11.04 34.58 1.80
CA ASP A 535 11.29 35.64 2.76
C ASP A 535 10.38 36.84 2.51
N ALA A 536 9.60 37.21 3.51
CA ALA A 536 8.53 38.19 3.36
C ALA A 536 8.37 38.92 4.69
N SER A 537 7.22 39.58 4.87
CA SER A 537 6.98 40.36 6.08
C SER A 537 7.03 39.47 7.32
N SER A 538 6.43 38.28 7.25
CA SER A 538 6.46 37.38 8.40
C SER A 538 7.89 36.95 8.73
N GLU A 539 8.71 36.73 7.70
CA GLU A 539 10.12 36.42 7.94
C GLU A 539 10.83 37.58 8.62
N SER A 540 10.51 38.81 8.23
CA SER A 540 11.08 39.96 8.93
C SER A 540 10.62 40.00 10.38
N ILE A 541 9.35 39.70 10.63
CA ILE A 541 8.81 39.73 11.99
C ILE A 541 9.55 38.74 12.86
N VAL A 542 9.69 37.49 12.38
CA VAL A 542 10.43 36.50 13.15
C VAL A 542 11.90 36.88 13.23
N GLN A 543 12.41 37.66 12.28
CA GLN A 543 13.79 38.11 12.35
C GLN A 543 14.00 39.06 13.52
N GLU A 544 13.13 40.06 13.67
CA GLU A 544 13.31 40.92 14.84
C GLU A 544 12.94 40.20 16.13
N ALA A 545 12.06 39.20 16.07
CA ALA A 545 11.82 38.37 17.26
C ALA A 545 13.10 37.68 17.69
N LEU A 546 13.80 37.05 16.75
CA LEU A 546 15.09 36.45 17.06
C LEU A 546 16.06 37.48 17.60
N ASP A 547 16.15 38.64 16.93
CA ASP A 547 17.03 39.71 17.41
C ASP A 547 16.72 40.09 18.84
N ARG A 548 15.44 40.02 19.24
CA ARG A 548 15.10 40.21 20.64
C ARG A 548 15.59 39.05 21.51
N VAL A 549 15.49 37.81 21.02
CA VAL A 549 15.78 36.68 21.89
C VAL A 549 17.28 36.46 22.05
N MET A 550 18.11 36.92 21.12
CA MET A 550 19.56 36.87 21.35
C MET A 550 19.95 38.07 22.19
N VAL A 551 19.88 37.91 23.51
CA VAL A 551 20.38 38.89 24.47
C VAL A 551 21.24 38.16 25.49
N GLY A 552 22.52 38.52 25.55
CA GLY A 552 23.44 37.88 26.48
C GLY A 552 23.59 36.39 26.26
N ARG A 553 23.65 35.95 25.00
CA ARG A 553 23.77 34.54 24.67
C ARG A 553 24.89 34.33 23.67
N THR A 554 25.52 33.16 23.75
CA THR A 554 26.59 32.78 22.81
C THR A 554 25.98 32.14 21.57
N THR A 555 25.14 32.91 20.88
CA THR A 555 24.42 32.41 19.73
C THR A 555 25.36 32.12 18.57
N VAL A 556 25.03 31.10 17.79
CA VAL A 556 25.74 30.74 16.58
C VAL A 556 24.71 30.61 15.46
N VAL A 557 24.92 31.31 14.36
CA VAL A 557 24.00 31.35 13.24
C VAL A 557 24.70 30.83 12.00
N VAL A 558 24.07 29.90 11.31
CA VAL A 558 24.55 29.37 10.03
C VAL A 558 23.50 29.64 8.98
N ALA A 559 23.93 30.21 7.84
CA ALA A 559 23.02 30.56 6.77
C ALA A 559 23.81 30.68 5.47
N HIS A 560 23.08 30.85 4.38
CA HIS A 560 23.68 31.05 3.06
C HIS A 560 23.54 32.49 2.56
N ARG A 561 22.38 33.11 2.75
CA ARG A 561 22.20 34.49 2.38
C ARG A 561 22.94 35.42 3.33
N LEU A 562 23.26 36.61 2.84
CA LEU A 562 24.03 37.59 3.59
C LEU A 562 23.15 38.54 4.40
N CYS A 563 21.83 38.36 4.37
CA CYS A 563 20.95 39.23 5.14
C CYS A 563 21.21 39.11 6.63
N THR A 564 21.21 37.88 7.14
CA THR A 564 21.52 37.64 8.56
C THR A 564 23.01 37.76 8.84
N ILE A 565 23.86 37.57 7.83
CA ILE A 565 25.31 37.64 8.02
C ILE A 565 25.72 39.04 8.46
N ARG A 566 25.06 40.07 7.94
CA ARG A 566 25.43 41.45 8.27
C ARG A 566 25.26 41.73 9.76
N ASN A 567 24.18 41.25 10.37
CA ASN A 567 23.91 41.53 11.77
C ASN A 567 24.62 40.55 12.69
N VAL A 568 25.93 40.39 12.50
CA VAL A 568 26.76 39.52 13.32
C VAL A 568 28.01 40.28 13.73
N ASP A 569 28.41 40.11 14.99
CA ASP A 569 29.62 40.79 15.47
C ASP A 569 30.87 40.26 14.77
N SER A 570 31.04 38.93 14.73
CA SER A 570 32.17 38.32 14.06
C SER A 570 31.68 37.18 13.18
N ILE A 571 32.19 37.14 11.95
CA ILE A 571 31.77 36.16 10.95
C ILE A 571 32.97 35.31 10.58
N ALA A 572 32.81 33.99 10.62
CA ALA A 572 33.84 33.05 10.23
C ALA A 572 33.41 32.35 8.95
N VAL A 573 34.28 32.36 7.95
CA VAL A 573 34.00 31.76 6.64
C VAL A 573 34.86 30.52 6.49
N ILE A 574 34.22 29.40 6.16
CA ILE A 574 34.91 28.14 5.97
C ILE A 574 34.78 27.72 4.51
N GLN A 575 35.82 27.05 4.01
CA GLN A 575 35.81 26.48 2.66
C GLN A 575 35.80 24.97 2.69
N GLN A 576 36.77 24.35 3.37
CA GLN A 576 36.74 22.91 3.61
C GLN A 576 37.60 22.61 4.84
N GLY A 577 37.01 21.91 5.80
CA GLY A 577 37.74 21.42 6.96
C GLY A 577 38.10 22.48 8.00
N GLN A 578 38.22 23.74 7.59
CA GLN A 578 38.75 24.75 8.48
C GLN A 578 38.30 26.14 8.02
N VAL A 579 38.40 27.10 8.93
CA VAL A 579 38.00 28.48 8.64
C VAL A 579 39.09 29.15 7.81
N VAL A 580 38.67 29.84 6.75
CA VAL A 580 39.64 30.50 5.88
C VAL A 580 39.91 31.94 6.32
N GLU A 581 38.93 32.60 6.93
CA GLU A 581 39.12 33.98 7.36
C GLU A 581 38.16 34.29 8.49
N THR A 582 38.56 35.24 9.33
CA THR A 582 37.74 35.71 10.44
C THR A 582 37.67 37.22 10.44
N GLY A 583 37.09 37.80 11.49
CA GLY A 583 37.03 39.24 11.62
C GLY A 583 35.63 39.78 11.83
N THR A 584 35.19 40.65 10.92
CA THR A 584 33.88 41.27 11.02
C THR A 584 33.43 41.68 9.63
N HIS A 585 32.13 41.99 9.51
CA HIS A 585 31.54 42.21 8.19
C HIS A 585 32.20 43.38 7.48
N GLU A 586 32.50 44.46 8.21
CA GLU A 586 33.18 45.60 7.60
C GLU A 586 34.60 45.26 7.19
N GLU A 587 35.17 44.20 7.77
CA GLU A 587 36.52 43.79 7.39
C GLU A 587 36.52 42.88 6.17
N LEU A 588 35.58 41.95 6.09
CA LEU A 588 35.49 41.07 4.93
C LEU A 588 35.18 41.86 3.66
N ILE A 589 34.27 42.83 3.75
CA ILE A 589 33.95 43.65 2.58
C ILE A 589 35.14 44.49 2.16
N ALA A 590 36.03 44.82 3.10
CA ALA A 590 37.23 45.57 2.77
C ALA A 590 38.23 44.67 2.04
N LYS A 591 38.87 45.25 1.01
CA LYS A 591 39.94 44.64 0.22
C LYS A 591 39.55 43.31 -0.41
N SER A 592 38.27 42.95 -0.30
CA SER A 592 37.73 41.72 -0.91
C SER A 592 38.55 40.49 -0.53
N GLY A 593 38.97 40.43 0.73
CA GLY A 593 39.77 39.31 1.19
C GLY A 593 38.95 38.07 1.47
N ALA A 594 39.03 37.08 0.57
CA ALA A 594 38.26 35.84 0.67
C ALA A 594 36.77 36.11 0.80
N TYR A 595 36.31 37.22 0.22
CA TYR A 595 34.92 37.63 0.31
C TYR A 595 34.29 38.02 -1.02
N ALA A 596 35.08 38.35 -2.04
CA ALA A 596 34.52 38.64 -3.35
C ALA A 596 33.85 37.42 -3.95
N SER A 597 34.46 36.25 -3.76
CA SER A 597 33.84 35.01 -4.25
C SER A 597 32.52 34.74 -3.53
N LEU A 598 32.47 35.02 -2.23
CA LEU A 598 31.24 34.78 -1.47
C LEU A 598 30.09 35.63 -1.99
N ILE A 599 30.33 36.93 -2.19
CA ILE A 599 29.27 37.80 -2.70
C ILE A 599 28.96 37.47 -4.16
N ARG A 600 29.95 37.02 -4.92
CA ARG A 600 29.71 36.60 -6.29
C ARG A 600 28.77 35.40 -6.34
N PHE A 601 28.98 34.44 -5.45
CA PHE A 601 28.07 33.30 -5.36
C PHE A 601 26.70 33.72 -4.86
N GLN A 602 26.67 34.63 -3.88
CA GLN A 602 25.39 35.08 -3.33
C GLN A 602 24.54 35.78 -4.38
N GLU A 603 25.16 36.63 -5.21
CA GLU A 603 24.42 37.32 -6.25
C GLU A 603 23.95 36.39 -7.36
N MET A 604 24.50 35.17 -7.43
CA MET A 604 24.15 34.22 -8.46
C MET A 604 22.96 33.34 -8.09
N VAL A 605 22.47 33.42 -6.86
CA VAL A 605 21.36 32.58 -6.43
C VAL A 605 20.07 33.02 -7.10
N GLU A 670 -26.35 0.62 -5.16
CA GLU A 670 -25.68 0.91 -6.43
C GLU A 670 -26.24 0.05 -7.56
N ASN A 671 -26.35 0.65 -8.74
CA ASN A 671 -26.81 -0.04 -9.94
C ASN A 671 -25.67 -0.72 -10.68
N TYR A 672 -24.56 -1.01 -9.99
CA TYR A 672 -23.38 -1.53 -10.66
C TYR A 672 -23.65 -2.92 -11.24
N PHE A 673 -24.36 -3.78 -10.50
CA PHE A 673 -24.49 -5.17 -10.90
C PHE A 673 -25.31 -5.30 -12.18
N TYR A 674 -26.41 -4.55 -12.29
CA TYR A 674 -27.26 -4.66 -13.46
C TYR A 674 -26.52 -4.24 -14.72
N ARG A 675 -25.80 -3.12 -14.67
CA ARG A 675 -25.05 -2.66 -15.83
C ARG A 675 -23.85 -3.55 -16.13
N LEU A 676 -23.19 -4.10 -15.10
CA LEU A 676 -22.12 -5.05 -15.34
C LEU A 676 -22.63 -6.29 -16.07
N LEU A 677 -23.80 -6.79 -15.66
CA LEU A 677 -24.40 -7.92 -16.36
C LEU A 677 -24.79 -7.53 -17.79
N LYS A 678 -25.28 -6.30 -17.96
CA LYS A 678 -25.63 -5.82 -19.30
C LYS A 678 -24.39 -5.76 -20.19
N LEU A 679 -23.23 -5.48 -19.60
CA LEU A 679 -22.00 -5.41 -20.39
C LEU A 679 -21.64 -6.74 -21.04
N ASN A 680 -22.16 -7.86 -20.52
CA ASN A 680 -21.89 -9.18 -21.09
C ASN A 680 -22.97 -9.61 -22.07
N SER A 681 -23.60 -8.66 -22.77
CA SER A 681 -24.61 -9.00 -23.77
C SER A 681 -24.11 -9.98 -24.82
N PRO A 682 -22.91 -9.82 -25.41
CA PRO A 682 -22.43 -10.81 -26.37
C PRO A 682 -22.08 -12.15 -25.75
N GLU A 683 -22.14 -12.29 -24.42
CA GLU A 683 -21.91 -13.56 -23.75
C GLU A 683 -23.20 -14.30 -23.42
N TRP A 684 -24.25 -14.05 -24.20
CA TRP A 684 -25.51 -14.75 -24.01
C TRP A 684 -25.38 -16.26 -24.15
N PRO A 685 -24.74 -16.81 -25.19
CA PRO A 685 -24.68 -18.28 -25.30
C PRO A 685 -23.81 -18.94 -24.25
N TYR A 686 -22.90 -18.21 -23.61
CA TYR A 686 -21.96 -18.79 -22.66
C TYR A 686 -22.42 -18.66 -21.22
N SER A 687 -23.61 -18.14 -20.97
CA SER A 687 -24.13 -18.04 -19.62
C SER A 687 -25.14 -19.12 -19.31
N ILE A 688 -26.03 -19.42 -20.26
CA ILE A 688 -27.06 -20.43 -20.04
C ILE A 688 -26.43 -21.81 -19.85
N MET A 689 -25.44 -22.14 -20.68
CA MET A 689 -24.84 -23.47 -20.60
C MET A 689 -23.94 -23.60 -19.37
N GLY A 690 -23.56 -22.49 -18.75
CA GLY A 690 -22.86 -22.55 -17.49
C GLY A 690 -23.83 -22.66 -16.32
N ALA A 691 -24.96 -21.96 -16.43
CA ALA A 691 -25.99 -22.05 -15.41
C ALA A 691 -26.56 -23.47 -15.31
N VAL A 692 -26.81 -24.10 -16.46
CA VAL A 692 -27.32 -25.47 -16.42
C VAL A 692 -26.27 -26.41 -15.84
N GLY A 693 -24.99 -26.16 -16.13
CA GLY A 693 -23.94 -26.95 -15.52
C GLY A 693 -23.90 -26.80 -14.01
N SER A 694 -24.07 -25.57 -13.51
CA SER A 694 -24.14 -25.36 -12.07
C SER A 694 -25.34 -26.06 -11.46
N ILE A 695 -26.50 -25.99 -12.12
CA ILE A 695 -27.68 -26.67 -11.62
C ILE A 695 -27.44 -28.17 -11.53
N LEU A 696 -26.84 -28.75 -12.57
CA LEU A 696 -26.54 -30.17 -12.56
C LEU A 696 -25.55 -30.54 -11.46
N SER A 697 -24.52 -29.71 -11.26
CA SER A 697 -23.54 -29.97 -10.21
C SER A 697 -24.15 -29.82 -8.82
N GLY A 698 -25.22 -29.04 -8.69
CA GLY A 698 -25.86 -28.86 -7.39
C GLY A 698 -26.48 -30.11 -6.81
N PHE A 699 -26.61 -31.18 -7.59
CA PHE A 699 -27.21 -32.42 -7.14
C PHE A 699 -26.18 -33.44 -6.67
N ILE A 700 -25.08 -32.99 -6.08
CA ILE A 700 -24.03 -33.87 -5.60
C ILE A 700 -24.21 -34.21 -4.14
N GLY A 701 -24.39 -33.19 -3.30
CA GLY A 701 -24.52 -33.38 -1.87
C GLY A 701 -25.72 -34.20 -1.44
N PRO A 702 -26.92 -33.78 -1.84
CA PRO A 702 -28.13 -34.51 -1.38
C PRO A 702 -28.15 -35.98 -1.74
N THR A 703 -27.72 -36.35 -2.95
CA THR A 703 -27.74 -37.77 -3.31
C THR A 703 -26.73 -38.57 -2.49
N PHE A 704 -25.55 -37.99 -2.24
CA PHE A 704 -24.55 -38.66 -1.43
C PHE A 704 -25.05 -38.85 0.00
N ALA A 705 -25.70 -37.82 0.55
CA ALA A 705 -26.28 -37.94 1.88
C ALA A 705 -27.38 -39.00 1.93
N ILE A 706 -28.23 -39.04 0.90
CA ILE A 706 -29.29 -40.03 0.85
C ILE A 706 -28.72 -41.44 0.83
N VAL A 707 -27.69 -41.65 0.00
CA VAL A 707 -27.08 -42.98 -0.08
C VAL A 707 -26.41 -43.34 1.25
N MET A 708 -25.75 -42.37 1.89
CA MET A 708 -25.14 -42.65 3.18
C MET A 708 -26.17 -43.09 4.20
N SER A 709 -27.28 -42.35 4.31
CA SER A 709 -28.33 -42.72 5.26
C SER A 709 -28.93 -44.08 4.93
N ASN A 710 -29.16 -44.33 3.64
CA ASN A 710 -29.76 -45.60 3.25
C ASN A 710 -28.84 -46.77 3.58
N MET A 711 -27.54 -46.63 3.36
CA MET A 711 -26.61 -47.69 3.70
C MET A 711 -26.48 -47.86 5.21
N ILE A 712 -26.56 -46.74 5.95
CA ILE A 712 -26.56 -46.81 7.41
C ILE A 712 -27.72 -47.67 7.88
N GLU A 713 -28.89 -47.47 7.29
CA GLU A 713 -30.03 -48.33 7.61
C GLU A 713 -29.80 -49.76 7.15
N VAL A 714 -29.19 -49.94 5.97
CA VAL A 714 -28.99 -51.27 5.40
C VAL A 714 -28.11 -52.12 6.31
N PHE A 715 -27.17 -51.50 7.02
CA PHE A 715 -26.25 -52.27 7.85
C PHE A 715 -26.95 -53.12 8.91
N TYR A 716 -28.19 -52.79 9.25
CA TYR A 716 -28.89 -53.49 10.33
C TYR A 716 -29.93 -54.48 9.82
N TYR A 717 -29.84 -54.91 8.56
CA TYR A 717 -30.72 -55.97 8.09
C TYR A 717 -30.43 -57.28 8.82
N THR A 718 -31.48 -58.06 9.04
CA THR A 718 -31.33 -59.35 9.70
C THR A 718 -30.84 -60.42 8.73
N ASP A 719 -31.52 -60.57 7.60
CA ASP A 719 -31.10 -61.53 6.59
C ASP A 719 -29.90 -60.98 5.82
N TYR A 720 -28.82 -61.77 5.77
CA TYR A 720 -27.59 -61.29 5.17
C TYR A 720 -27.62 -61.31 3.64
N ASP A 721 -28.57 -62.02 3.04
CA ASP A 721 -28.54 -62.22 1.60
C ASP A 721 -28.80 -60.92 0.84
N SER A 722 -29.83 -60.16 1.25
CA SER A 722 -30.15 -58.92 0.56
C SER A 722 -29.12 -57.83 0.78
N MET A 723 -28.33 -57.95 1.86
CA MET A 723 -27.34 -56.93 2.17
C MET A 723 -26.31 -56.79 1.07
N GLU A 724 -25.84 -57.91 0.53
CA GLU A 724 -24.84 -57.86 -0.54
C GLU A 724 -25.38 -57.09 -1.74
N ARG A 725 -26.61 -57.40 -2.15
CA ARG A 725 -27.17 -56.74 -3.33
C ARG A 725 -27.37 -55.24 -3.07
N LYS A 726 -27.90 -54.88 -1.90
CA LYS A 726 -28.12 -53.46 -1.62
C LYS A 726 -26.80 -52.69 -1.58
N THR A 727 -25.78 -53.24 -0.90
CA THR A 727 -24.49 -52.57 -0.87
C THR A 727 -23.85 -52.49 -2.25
N LYS A 728 -23.98 -53.53 -3.06
CA LYS A 728 -23.43 -53.47 -4.41
C LYS A 728 -24.11 -52.37 -5.23
N GLU A 729 -25.44 -52.26 -5.11
CA GLU A 729 -26.15 -51.20 -5.82
C GLU A 729 -25.66 -49.83 -5.36
N TYR A 730 -25.47 -49.65 -4.05
CA TYR A 730 -25.05 -48.34 -3.56
C TYR A 730 -23.62 -48.02 -3.96
N VAL A 731 -22.74 -49.03 -4.00
CA VAL A 731 -21.39 -48.80 -4.51
C VAL A 731 -21.42 -48.40 -5.97
N PHE A 732 -22.29 -49.03 -6.77
CA PHE A 732 -22.44 -48.63 -8.16
C PHE A 732 -22.94 -47.18 -8.25
N ILE A 733 -23.83 -46.79 -7.35
CA ILE A 733 -24.31 -45.41 -7.32
C ILE A 733 -23.17 -44.45 -7.04
N TYR A 734 -22.30 -44.80 -6.08
CA TYR A 734 -21.14 -43.95 -5.79
C TYR A 734 -20.22 -43.85 -7.00
N ILE A 735 -19.96 -44.97 -7.68
CA ILE A 735 -19.08 -44.94 -8.84
C ILE A 735 -19.67 -44.06 -9.93
N GLY A 736 -20.99 -44.14 -10.14
CA GLY A 736 -21.61 -43.25 -11.11
C GLY A 736 -21.53 -41.79 -10.71
N ALA A 737 -21.74 -41.50 -9.41
CA ALA A 737 -21.67 -40.13 -8.94
C ALA A 737 -20.28 -39.54 -9.11
N GLY A 738 -19.24 -40.38 -9.02
CA GLY A 738 -17.90 -39.89 -9.25
C GLY A 738 -17.72 -39.31 -10.64
N LEU A 739 -18.16 -40.05 -11.66
CA LEU A 739 -18.09 -39.54 -13.03
C LEU A 739 -19.02 -38.36 -13.23
N TYR A 740 -20.19 -38.38 -12.59
CA TYR A 740 -21.10 -37.25 -12.68
C TYR A 740 -20.44 -35.97 -12.16
N ALA A 741 -19.63 -36.09 -11.10
CA ALA A 741 -18.85 -34.96 -10.63
C ALA A 741 -17.78 -34.56 -11.65
N VAL A 742 -16.98 -35.54 -12.09
CA VAL A 742 -15.91 -35.30 -13.07
C VAL A 742 -16.45 -34.64 -14.33
N GLY A 743 -17.77 -34.68 -14.50
CA GLY A 743 -18.49 -34.05 -15.59
C GLY A 743 -18.97 -32.67 -15.14
N ALA A 744 -20.14 -32.64 -14.51
CA ALA A 744 -20.77 -31.40 -14.05
C ALA A 744 -19.81 -30.36 -13.50
N TYR A 745 -18.78 -30.76 -12.74
CA TYR A 745 -17.87 -29.75 -12.19
C TYR A 745 -17.10 -29.02 -13.29
N LEU A 746 -16.54 -29.77 -14.24
CA LEU A 746 -15.86 -29.13 -15.37
C LEU A 746 -16.84 -28.30 -16.18
N ILE A 747 -18.04 -28.84 -16.42
CA ILE A 747 -19.03 -28.12 -17.20
C ILE A 747 -19.36 -26.78 -16.55
N GLN A 748 -19.44 -26.76 -15.22
CA GLN A 748 -19.73 -25.51 -14.52
C GLN A 748 -18.53 -24.56 -14.56
N HIS A 749 -17.33 -25.07 -14.30
CA HIS A 749 -16.17 -24.21 -14.09
C HIS A 749 -15.47 -23.80 -15.37
N TYR A 750 -15.88 -24.31 -16.53
CA TYR A 750 -15.21 -23.91 -17.77
C TYR A 750 -15.87 -22.70 -18.41
N PHE A 751 -17.17 -22.78 -18.66
CA PHE A 751 -17.86 -21.71 -19.38
C PHE A 751 -17.92 -20.44 -18.55
N PHE A 752 -18.09 -20.56 -17.23
CA PHE A 752 -18.09 -19.39 -16.38
C PHE A 752 -16.73 -18.69 -16.42
N SER A 753 -15.65 -19.46 -16.45
CA SER A 753 -14.32 -18.87 -16.60
C SER A 753 -14.18 -18.16 -17.94
N ILE A 754 -14.73 -18.77 -19.01
CA ILE A 754 -14.69 -18.12 -20.32
C ILE A 754 -15.37 -16.76 -20.25
N MET A 755 -16.58 -16.73 -19.66
CA MET A 755 -17.33 -15.49 -19.56
C MET A 755 -16.57 -14.46 -18.72
N GLY A 756 -16.00 -14.88 -17.61
CA GLY A 756 -15.26 -13.95 -16.76
C GLY A 756 -14.06 -13.36 -17.48
N GLU A 757 -13.30 -14.18 -18.21
CA GLU A 757 -12.15 -13.67 -18.92
C GLU A 757 -12.55 -12.70 -20.03
N ASN A 758 -13.63 -13.02 -20.75
CA ASN A 758 -14.11 -12.08 -21.77
C ASN A 758 -14.52 -10.76 -21.13
N LEU A 759 -15.21 -10.82 -19.99
CA LEU A 759 -15.61 -9.59 -19.31
C LEU A 759 -14.40 -8.78 -18.87
N THR A 760 -13.37 -9.45 -18.34
CA THR A 760 -12.17 -8.72 -17.93
C THR A 760 -11.49 -8.06 -19.11
N THR A 761 -11.38 -8.76 -20.24
CA THR A 761 -10.77 -8.15 -21.42
C THR A 761 -11.55 -6.93 -21.88
N ARG A 762 -12.88 -7.06 -21.95
CA ARG A 762 -13.70 -5.94 -22.41
C ARG A 762 -13.58 -4.75 -21.47
N VAL A 763 -13.64 -4.98 -20.16
CA VAL A 763 -13.59 -3.89 -19.22
C VAL A 763 -12.22 -3.22 -19.22
N ARG A 764 -11.15 -4.02 -19.40
CA ARG A 764 -9.82 -3.42 -19.47
C ARG A 764 -9.66 -2.54 -20.71
N ARG A 765 -10.15 -3.03 -21.86
CA ARG A 765 -10.07 -2.22 -23.08
C ARG A 765 -10.84 -0.92 -22.92
N MET A 766 -12.06 -0.99 -22.39
CA MET A 766 -12.84 0.22 -22.19
C MET A 766 -12.20 1.15 -21.18
N MET A 767 -11.61 0.59 -20.11
CA MET A 767 -10.96 1.40 -19.09
C MET A 767 -9.80 2.18 -19.67
N LEU A 768 -8.96 1.51 -20.48
CA LEU A 768 -7.83 2.22 -21.08
C LEU A 768 -8.33 3.27 -22.08
N SER A 769 -9.32 2.93 -22.89
CA SER A 769 -9.83 3.87 -23.88
C SER A 769 -10.43 5.10 -23.22
N ALA A 770 -10.98 4.95 -22.02
CA ALA A 770 -11.54 6.09 -21.31
C ALA A 770 -10.47 6.89 -20.58
N ILE A 771 -9.50 6.21 -19.97
CA ILE A 771 -8.48 6.92 -19.19
C ILE A 771 -7.54 7.70 -20.10
N LEU A 772 -7.31 7.21 -21.32
CA LEU A 772 -6.44 7.92 -22.24
C LEU A 772 -7.10 9.17 -22.80
N ARG A 773 -8.44 9.24 -22.78
CA ARG A 773 -9.16 10.39 -23.30
C ARG A 773 -9.19 11.54 -22.30
N ASN A 774 -8.83 11.28 -21.04
CA ASN A 774 -8.95 12.27 -19.98
C ASN A 774 -7.96 13.42 -20.22
N GLU A 775 -8.22 14.54 -19.56
CA GLU A 775 -7.42 15.73 -19.75
C GLU A 775 -6.05 15.58 -19.08
N VAL A 776 -5.13 16.47 -19.46
CA VAL A 776 -3.76 16.39 -18.95
C VAL A 776 -3.74 16.65 -17.45
N GLY A 777 -4.49 17.65 -16.98
CA GLY A 777 -4.41 18.05 -15.59
C GLY A 777 -4.79 16.95 -14.62
N TRP A 778 -5.73 16.08 -15.01
CA TRP A 778 -6.16 15.01 -14.12
C TRP A 778 -5.00 14.02 -13.89
N PHE A 779 -4.03 13.99 -14.81
CA PHE A 779 -2.83 13.17 -14.64
C PHE A 779 -1.82 13.80 -13.68
N ASP A 780 -1.94 15.09 -13.38
CA ASP A 780 -0.94 15.79 -12.59
C ASP A 780 -1.12 15.61 -11.09
N GLU A 781 -2.26 15.09 -10.65
CA GLU A 781 -2.52 14.95 -9.22
C GLU A 781 -1.62 13.90 -8.59
N ASP A 782 -1.24 14.14 -7.34
CA ASP A 782 -0.35 13.20 -6.64
C ASP A 782 -1.02 11.86 -6.40
N GLU A 783 -2.34 11.84 -6.20
CA GLU A 783 -3.03 10.56 -6.11
C GLU A 783 -3.02 9.82 -7.44
N HIS A 784 -3.14 10.56 -8.54
CA HIS A 784 -3.23 9.97 -9.88
C HIS A 784 -1.88 10.10 -10.57
N ASN A 785 -0.97 9.18 -10.25
CA ASN A 785 0.29 9.02 -10.97
C ASN A 785 0.27 7.72 -11.76
N SER A 786 1.30 7.55 -12.59
CA SER A 786 1.35 6.41 -13.50
C SER A 786 1.36 5.09 -12.72
N SER A 787 2.07 5.04 -11.59
CA SER A 787 2.18 3.80 -10.85
C SER A 787 0.83 3.33 -10.32
N LEU A 788 0.10 4.21 -9.62
CA LEU A 788 -1.19 3.83 -9.05
C LEU A 788 -2.22 3.57 -10.13
N ILE A 789 -2.23 4.38 -11.19
CA ILE A 789 -3.18 4.17 -12.28
C ILE A 789 -2.93 2.82 -12.95
N ALA A 790 -1.66 2.49 -13.20
CA ALA A 790 -1.34 1.21 -13.80
C ALA A 790 -1.72 0.06 -12.87
N ALA A 791 -1.51 0.23 -11.57
CA ALA A 791 -1.88 -0.82 -10.63
C ALA A 791 -3.39 -1.05 -10.64
N ARG A 792 -4.17 0.03 -10.65
CA ARG A 792 -5.62 -0.13 -10.71
C ARG A 792 -6.07 -0.76 -12.02
N LEU A 793 -5.50 -0.32 -13.14
CA LEU A 793 -5.91 -0.83 -14.44
C LEU A 793 -5.42 -2.26 -14.68
N ALA A 794 -4.44 -2.72 -13.91
CA ALA A 794 -3.86 -4.05 -14.09
C ALA A 794 -4.37 -5.06 -13.09
N THR A 795 -4.54 -4.67 -11.82
CA THR A 795 -4.91 -5.59 -10.76
C THR A 795 -6.38 -5.49 -10.36
N ASP A 796 -6.91 -4.28 -10.22
CA ASP A 796 -8.28 -4.12 -9.74
C ASP A 796 -9.29 -4.72 -10.72
N ALA A 797 -9.05 -4.55 -12.02
CA ALA A 797 -10.00 -5.04 -13.02
C ALA A 797 -10.22 -6.54 -12.89
N ALA A 798 -9.18 -7.30 -12.49
CA ALA A 798 -9.35 -8.73 -12.31
C ALA A 798 -10.43 -9.05 -11.30
N ASP A 799 -10.53 -8.24 -10.23
CA ASP A 799 -11.56 -8.48 -9.22
C ASP A 799 -12.96 -8.42 -9.82
N VAL A 800 -13.13 -7.72 -10.94
CA VAL A 800 -14.43 -7.68 -11.60
C VAL A 800 -14.91 -9.09 -11.91
N LYS A 801 -14.01 -9.94 -12.40
CA LYS A 801 -14.36 -11.34 -12.63
C LYS A 801 -14.89 -11.98 -11.35
N SER A 802 -14.17 -11.78 -10.24
CA SER A 802 -14.60 -12.37 -8.98
C SER A 802 -15.93 -11.82 -8.53
N ALA A 803 -16.33 -10.65 -9.03
CA ALA A 803 -17.62 -10.08 -8.66
C ALA A 803 -18.73 -10.47 -9.62
N ILE A 804 -18.43 -11.12 -10.75
CA ILE A 804 -19.46 -11.47 -11.71
C ILE A 804 -19.40 -12.92 -12.16
N ALA A 805 -18.30 -13.64 -11.95
CA ALA A 805 -18.18 -15.01 -12.41
C ALA A 805 -18.15 -16.00 -11.25
N GLU A 806 -17.21 -15.85 -10.33
CA GLU A 806 -17.12 -16.76 -9.19
C GLU A 806 -18.21 -16.52 -8.16
N ARG A 807 -18.72 -15.29 -8.06
CA ARG A 807 -19.72 -14.95 -7.07
C ARG A 807 -21.13 -15.34 -7.47
N ILE A 808 -21.32 -15.83 -8.69
CA ILE A 808 -22.65 -16.22 -9.15
C ILE A 808 -22.81 -17.74 -9.25
N SER A 809 -21.72 -18.48 -9.47
CA SER A 809 -21.82 -19.94 -9.55
C SER A 809 -22.10 -20.55 -8.19
N VAL A 810 -21.36 -20.11 -7.17
CA VAL A 810 -21.48 -20.70 -5.84
C VAL A 810 -22.88 -20.47 -5.28
N ILE A 811 -23.42 -19.25 -5.45
CA ILE A 811 -24.74 -18.94 -4.92
C ILE A 811 -25.79 -19.83 -5.57
N LEU A 812 -25.73 -19.97 -6.90
CA LEU A 812 -26.70 -20.81 -7.59
C LEU A 812 -26.60 -22.26 -7.16
N GLN A 813 -25.37 -22.79 -7.07
CA GLN A 813 -25.18 -24.18 -6.68
C GLN A 813 -25.72 -24.43 -5.27
N ASN A 814 -25.38 -23.56 -4.33
CA ASN A 814 -25.86 -23.73 -2.97
C ASN A 814 -27.38 -23.59 -2.87
N MET A 815 -27.98 -22.63 -3.58
CA MET A 815 -29.42 -22.46 -3.54
C MET A 815 -30.13 -23.69 -4.09
N THR A 816 -29.65 -24.23 -5.21
CA THR A 816 -30.33 -25.38 -5.78
C THR A 816 -30.14 -26.62 -4.91
N SER A 817 -28.97 -26.76 -4.28
CA SER A 817 -28.78 -27.87 -3.35
C SER A 817 -29.73 -27.76 -2.16
N LEU A 818 -29.86 -26.54 -1.61
CA LEU A 818 -30.78 -26.33 -0.50
C LEU A 818 -32.21 -26.68 -0.88
N LEU A 819 -32.66 -26.21 -2.04
CA LEU A 819 -34.03 -26.46 -2.45
C LEU A 819 -34.28 -27.95 -2.68
N THR A 820 -33.38 -28.61 -3.41
CA THR A 820 -33.58 -30.03 -3.69
C THR A 820 -33.39 -30.88 -2.45
N SER A 821 -32.75 -30.37 -1.41
CA SER A 821 -32.67 -31.12 -0.17
C SER A 821 -33.94 -30.95 0.65
N PHE A 822 -34.47 -29.73 0.74
CA PHE A 822 -35.71 -29.53 1.48
C PHE A 822 -36.87 -30.27 0.84
N ILE A 823 -36.92 -30.30 -0.50
CA ILE A 823 -38.02 -31.00 -1.16
C ILE A 823 -38.04 -32.47 -0.76
N VAL A 824 -36.88 -33.14 -0.85
CA VAL A 824 -36.81 -34.55 -0.51
C VAL A 824 -37.07 -34.77 0.98
N ALA A 825 -36.54 -33.90 1.83
CA ALA A 825 -36.76 -34.06 3.27
C ALA A 825 -38.24 -33.95 3.62
N PHE A 826 -38.94 -33.00 3.00
CA PHE A 826 -40.37 -32.87 3.27
C PHE A 826 -41.17 -34.03 2.70
N ILE A 827 -40.77 -34.52 1.51
CA ILE A 827 -41.49 -35.65 0.92
C ILE A 827 -41.34 -36.90 1.78
N VAL A 828 -40.13 -37.16 2.29
CA VAL A 828 -39.89 -38.37 3.06
C VAL A 828 -40.73 -38.37 4.32
N GLU A 829 -40.67 -37.29 5.10
CA GLU A 829 -41.45 -37.18 6.33
C GLU A 829 -41.51 -35.71 6.73
N TRP A 830 -42.72 -35.21 7.00
CA TRP A 830 -42.92 -33.80 7.24
C TRP A 830 -43.06 -33.44 8.72
N ARG A 831 -43.76 -34.26 9.50
CA ARG A 831 -44.03 -33.89 10.88
C ARG A 831 -42.78 -33.85 11.74
N VAL A 832 -41.71 -34.54 11.33
CA VAL A 832 -40.44 -34.43 12.03
C VAL A 832 -39.55 -33.35 11.41
N SER A 833 -39.73 -33.03 10.13
CA SER A 833 -38.91 -32.02 9.49
C SER A 833 -39.25 -30.60 9.93
N LEU A 834 -40.45 -30.39 10.48
CA LEU A 834 -40.84 -29.06 10.91
C LEU A 834 -40.00 -28.56 12.08
N LEU A 835 -39.60 -29.47 12.98
CA LEU A 835 -38.73 -29.06 14.09
C LEU A 835 -37.40 -28.54 13.57
N ILE A 836 -36.84 -29.20 12.56
CA ILE A 836 -35.62 -28.70 11.94
C ILE A 836 -35.91 -27.38 11.22
N LEU A 837 -37.08 -27.29 10.58
CA LEU A 837 -37.46 -26.05 9.91
C LEU A 837 -37.46 -24.88 10.87
N GLY A 838 -37.91 -25.10 12.10
CA GLY A 838 -37.91 -24.02 13.08
C GLY A 838 -36.53 -23.70 13.61
N THR A 839 -35.54 -24.57 13.32
CA THR A 839 -34.23 -24.43 13.95
C THR A 839 -33.07 -24.36 12.97
N PHE A 840 -33.30 -24.17 11.66
CA PHE A 840 -32.18 -23.83 10.78
C PHE A 840 -31.38 -22.61 11.22
N PRO A 841 -31.98 -21.51 11.69
CA PRO A 841 -31.14 -20.37 12.09
C PRO A 841 -30.04 -20.74 13.07
N LEU A 842 -30.34 -21.60 14.05
CA LEU A 842 -29.33 -22.00 15.03
C LEU A 842 -28.19 -22.77 14.36
N LEU A 843 -28.52 -23.76 13.54
CA LEU A 843 -27.48 -24.57 12.89
C LEU A 843 -26.64 -23.73 11.93
N VAL A 844 -27.29 -22.86 11.16
CA VAL A 844 -26.56 -22.02 10.22
C VAL A 844 -25.65 -21.06 10.97
N LEU A 845 -26.13 -20.44 12.05
CA LEU A 845 -25.26 -19.57 12.84
C LEU A 845 -24.09 -20.34 13.42
N ALA A 846 -24.34 -21.56 13.91
CA ALA A 846 -23.27 -22.35 14.50
C ALA A 846 -22.21 -22.70 13.47
N ASN A 847 -22.63 -23.11 12.27
CA ASN A 847 -21.65 -23.47 11.25
C ASN A 847 -20.93 -22.23 10.71
N PHE A 848 -21.62 -21.09 10.67
CA PHE A 848 -20.95 -19.85 10.30
C PHE A 848 -19.89 -19.49 11.33
N ALA A 849 -20.18 -19.69 12.61
CA ALA A 849 -19.18 -19.47 13.65
C ALA A 849 -17.99 -20.42 13.48
N GLN A 850 -18.28 -21.68 13.16
CA GLN A 850 -17.19 -22.64 12.93
C GLN A 850 -16.32 -22.18 11.76
N GLN A 851 -16.93 -21.71 10.67
CA GLN A 851 -16.16 -21.22 9.55
C GLN A 851 -15.34 -20.00 9.92
N LEU A 852 -15.91 -19.07 10.68
CA LEU A 852 -15.17 -17.90 11.12
C LEU A 852 -14.03 -18.24 12.08
N SER A 853 -14.11 -19.37 12.77
CA SER A 853 -13.05 -19.75 13.70
C SER A 853 -11.72 -19.95 13.00
N LEU A 854 -11.75 -20.33 11.72
CA LEU A 854 -10.52 -20.58 10.99
C LEU A 854 -9.79 -19.30 10.61
N LYS A 855 -10.52 -18.19 10.43
CA LYS A 855 -9.91 -16.94 10.02
C LYS A 855 -9.31 -16.14 11.16
N GLY A 856 -9.86 -16.28 12.37
CA GLY A 856 -9.40 -15.49 13.50
C GLY A 856 -10.40 -14.43 13.91
N PHE A 857 -10.59 -14.26 15.21
CA PHE A 857 -11.59 -13.35 15.73
C PHE A 857 -11.04 -11.98 16.08
N ALA A 858 -9.75 -11.74 15.87
CA ALA A 858 -9.16 -10.46 16.25
C ALA A 858 -9.77 -9.31 15.47
N GLY A 859 -9.55 -9.28 14.15
CA GLY A 859 -10.16 -8.27 13.32
C GLY A 859 -9.36 -6.99 13.26
N ASP A 860 -8.94 -6.60 12.05
CA ASP A 860 -8.32 -5.32 11.71
C ASP A 860 -7.45 -4.76 12.84
N THR A 861 -6.49 -5.59 13.27
CA THR A 861 -5.63 -5.23 14.39
C THR A 861 -4.74 -4.02 14.07
N ALA A 862 -4.59 -3.67 12.80
CA ALA A 862 -3.77 -2.51 12.44
C ALA A 862 -4.48 -1.21 12.75
N LYS A 863 -5.80 -1.16 12.56
CA LYS A 863 -6.54 0.07 12.77
C LYS A 863 -6.49 0.51 14.22
N ALA A 864 -6.59 -0.43 15.16
CA ALA A 864 -6.55 -0.08 16.58
C ALA A 864 -5.17 0.41 17.00
N HIS A 865 -4.10 -0.17 16.45
CA HIS A 865 -2.75 0.21 16.84
C HIS A 865 -2.17 1.35 16.03
N ALA A 866 -2.87 1.81 15.00
CA ALA A 866 -2.35 2.92 14.19
C ALA A 866 -2.19 4.19 15.02
N LYS A 867 -3.16 4.49 15.89
CA LYS A 867 -3.08 5.70 16.71
C LYS A 867 -1.86 5.67 17.62
N THR A 868 -1.59 4.53 18.24
CA THR A 868 -0.39 4.39 19.07
C THR A 868 0.88 4.48 18.22
N SER A 869 0.86 3.86 17.04
CA SER A 869 2.05 3.85 16.19
C SER A 869 2.40 5.24 15.68
N MET A 870 1.40 6.11 15.51
CA MET A 870 1.70 7.49 15.09
C MET A 870 2.60 8.19 16.10
N ILE A 871 2.35 7.97 17.40
CA ILE A 871 3.17 8.63 18.43
C ILE A 871 4.62 8.18 18.30
N ALA A 872 4.84 6.87 18.18
CA ALA A 872 6.21 6.36 18.07
C ALA A 872 6.89 6.86 16.80
N GLY A 873 6.16 6.84 15.68
CA GLY A 873 6.76 7.31 14.43
C GLY A 873 7.12 8.78 14.49
N GLU A 874 6.26 9.60 15.09
CA GLU A 874 6.53 11.02 15.20
C GLU A 874 7.68 11.29 16.17
N GLY A 875 7.80 10.48 17.22
CA GLY A 875 8.91 10.62 18.14
C GLY A 875 10.24 10.17 17.58
N VAL A 876 10.22 9.22 16.64
CA VAL A 876 11.46 8.76 16.01
C VAL A 876 11.87 9.69 14.87
N SER A 877 10.93 10.11 14.04
CA SER A 877 11.26 10.98 12.91
C SER A 877 11.79 12.33 13.38
N ASN A 878 11.33 12.82 14.53
CA ASN A 878 11.76 14.10 15.09
C ASN A 878 12.81 13.90 16.18
N ILE A 879 13.72 12.94 15.99
CA ILE A 879 14.69 12.61 17.02
C ILE A 879 15.56 13.81 17.37
N ARG A 880 15.79 14.71 16.42
CA ARG A 880 16.63 15.87 16.68
C ARG A 880 16.05 16.75 17.78
N THR A 881 14.76 17.06 17.69
CA THR A 881 14.14 17.92 18.70
C THR A 881 14.00 17.21 20.04
N VAL A 882 13.51 15.97 20.03
CA VAL A 882 13.28 15.25 21.28
C VAL A 882 14.58 14.91 21.99
N ALA A 883 15.70 14.86 21.25
CA ALA A 883 16.98 14.59 21.89
C ALA A 883 17.33 15.66 22.90
N ALA A 884 17.11 16.93 22.55
CA ALA A 884 17.29 18.01 23.50
C ALA A 884 16.08 18.10 24.42
N PHE A 885 16.11 19.07 25.33
CA PHE A 885 15.01 19.36 26.24
C PHE A 885 14.70 18.20 27.19
N ASN A 886 15.49 17.13 27.12
CA ASN A 886 15.33 15.97 27.99
C ASN A 886 13.91 15.41 27.91
N ALA A 887 13.41 15.27 26.69
CA ALA A 887 12.03 14.85 26.46
C ALA A 887 11.90 13.33 26.35
N GLN A 888 12.98 12.57 26.56
CA GLN A 888 12.88 11.12 26.48
C GLN A 888 11.95 10.57 27.54
N SER A 889 12.04 11.10 28.77
CA SER A 889 11.19 10.63 29.85
C SER A 889 9.74 11.09 29.73
N LYS A 890 9.47 12.10 28.90
CA LYS A 890 8.11 12.59 28.71
C LYS A 890 7.36 11.86 27.61
N ILE A 891 8.07 11.38 26.59
CA ILE A 891 7.41 10.60 25.53
C ILE A 891 6.84 9.31 26.11
N LEU A 892 7.63 8.61 26.93
CA LEU A 892 7.14 7.45 27.64
C LEU A 892 6.43 7.88 28.91
N SER A 893 5.54 8.85 28.76
CA SER A 893 4.48 9.14 29.73
C SER A 893 3.16 9.37 29.04
N LEU A 894 3.16 9.79 27.77
CA LEU A 894 1.98 9.74 26.92
C LEU A 894 1.86 8.39 26.22
N PHE A 895 2.97 7.75 25.87
CA PHE A 895 2.90 6.45 25.24
C PHE A 895 2.23 5.42 26.14
N CYS A 896 2.66 5.36 27.41
CA CYS A 896 2.11 4.39 28.34
C CYS A 896 0.63 4.64 28.61
N HIS A 897 0.26 5.90 28.79
CA HIS A 897 -1.13 6.23 29.11
C HIS A 897 -2.04 6.20 27.89
N GLU A 898 -1.48 6.15 26.68
CA GLU A 898 -2.31 6.01 25.48
C GLU A 898 -2.41 4.56 25.04
N LEU A 899 -1.41 3.72 25.36
CA LEU A 899 -1.45 2.32 24.96
C LEU A 899 -2.55 1.52 25.67
N ARG A 900 -3.14 2.06 26.74
CA ARG A 900 -4.10 1.27 27.51
C ARG A 900 -5.44 1.11 26.80
N VAL A 901 -5.83 2.08 25.97
CA VAL A 901 -7.12 1.99 25.30
C VAL A 901 -7.20 0.78 24.37
N PRO A 902 -6.23 0.52 23.49
CA PRO A 902 -6.31 -0.72 22.69
C PRO A 902 -6.34 -1.98 23.53
N GLN A 903 -5.70 -1.97 24.71
CA GLN A 903 -5.76 -3.13 25.58
C GLN A 903 -7.18 -3.40 26.05
N LYS A 904 -7.89 -2.36 26.48
CA LYS A 904 -9.28 -2.54 26.90
C LYS A 904 -10.16 -2.96 25.74
N ARG A 905 -9.95 -2.37 24.56
CA ARG A 905 -10.73 -2.77 23.39
C ARG A 905 -10.51 -4.25 23.08
N SER A 906 -9.25 -4.70 23.14
CA SER A 906 -8.95 -6.10 22.88
C SER A 906 -9.59 -7.01 23.92
N LEU A 907 -9.56 -6.59 25.20
CA LEU A 907 -10.17 -7.40 26.25
C LEU A 907 -11.67 -7.56 26.01
N TYR A 908 -12.36 -6.46 25.70
CA TYR A 908 -13.79 -6.52 25.45
C TYR A 908 -14.10 -7.39 24.23
N ARG A 909 -13.31 -7.23 23.17
CA ARG A 909 -13.51 -8.04 21.97
C ARG A 909 -13.33 -9.52 22.28
N SER A 910 -12.30 -9.86 23.04
CA SER A 910 -12.03 -11.25 23.38
C SER A 910 -13.17 -11.85 24.20
N GLN A 911 -13.64 -11.11 25.21
CA GLN A 911 -14.73 -11.64 26.03
C GLN A 911 -15.99 -11.84 25.20
N THR A 912 -16.36 -10.85 24.39
CA THR A 912 -17.56 -10.98 23.58
C THR A 912 -17.46 -12.15 22.61
N SER A 913 -16.31 -12.28 21.94
CA SER A 913 -16.14 -13.37 20.99
C SER A 913 -16.21 -14.73 21.66
N GLY A 914 -15.54 -14.89 22.80
CA GLY A 914 -15.58 -16.16 23.50
C GLY A 914 -16.99 -16.53 23.93
N PHE A 915 -17.71 -15.58 24.53
CA PHE A 915 -19.06 -15.87 25.00
C PHE A 915 -19.98 -16.23 23.83
N LEU A 916 -19.91 -15.47 22.74
CA LEU A 916 -20.78 -15.74 21.60
C LEU A 916 -20.46 -17.09 20.98
N PHE A 917 -19.17 -17.42 20.84
CA PHE A 917 -18.82 -18.72 20.27
C PHE A 917 -19.31 -19.85 21.15
N GLY A 918 -19.16 -19.71 22.48
CA GLY A 918 -19.66 -20.75 23.37
C GLY A 918 -21.15 -20.94 23.25
N LEU A 919 -21.91 -19.84 23.23
CA LEU A 919 -23.36 -19.97 23.08
C LEU A 919 -23.72 -20.60 21.75
N SER A 920 -23.02 -20.24 20.68
CA SER A 920 -23.31 -20.82 19.38
C SER A 920 -23.07 -22.32 19.35
N GLN A 921 -21.96 -22.77 19.93
CA GLN A 921 -21.69 -24.21 19.95
C GLN A 921 -22.70 -24.94 20.82
N LEU A 922 -23.09 -24.35 21.95
CA LEU A 922 -24.13 -24.95 22.78
C LEU A 922 -25.44 -25.07 22.00
N ALA A 923 -25.78 -24.05 21.21
CA ALA A 923 -26.96 -24.14 20.37
C ALA A 923 -26.84 -25.25 19.35
N LEU A 924 -25.64 -25.43 18.78
CA LEU A 924 -25.43 -26.52 17.83
C LEU A 924 -25.70 -27.87 18.48
N TYR A 925 -24.90 -28.22 19.49
CA TYR A 925 -25.03 -29.55 20.09
C TYR A 925 -26.28 -29.69 20.95
N GLY A 926 -26.94 -28.60 21.29
CA GLY A 926 -28.15 -28.68 22.09
C GLY A 926 -29.39 -28.87 21.27
N SER A 927 -29.30 -28.60 19.96
CA SER A 927 -30.44 -28.75 19.07
C SER A 927 -30.52 -30.15 18.47
N GLU A 928 -29.37 -30.76 18.18
CA GLU A 928 -29.38 -32.11 17.61
C GLU A 928 -29.88 -33.15 18.59
N ALA A 929 -29.89 -32.85 19.89
CA ALA A 929 -30.43 -33.75 20.88
C ALA A 929 -31.95 -33.66 20.98
N LEU A 930 -32.56 -32.66 20.37
CA LEU A 930 -34.01 -32.51 20.38
C LEU A 930 -34.66 -33.20 19.20
N ILE A 931 -34.08 -33.09 18.01
CA ILE A 931 -34.65 -33.70 16.83
C ILE A 931 -34.67 -35.22 16.97
N LEU A 932 -33.56 -35.80 17.44
CA LEU A 932 -33.51 -37.25 17.62
C LEU A 932 -34.46 -37.71 18.72
N TRP A 933 -34.57 -36.94 19.80
CA TRP A 933 -35.51 -37.30 20.86
C TRP A 933 -36.94 -37.29 20.35
N TYR A 934 -37.31 -36.28 19.57
CA TYR A 934 -38.66 -36.24 19.03
C TYR A 934 -38.88 -37.36 18.02
N GLY A 935 -37.86 -37.69 17.24
CA GLY A 935 -37.98 -38.82 16.33
C GLY A 935 -38.22 -40.12 17.06
N ALA A 936 -37.49 -40.35 18.15
CA ALA A 936 -37.71 -41.55 18.95
C ALA A 936 -39.11 -41.55 19.55
N HIS A 937 -39.57 -40.40 20.02
CA HIS A 937 -40.92 -40.31 20.57
C HIS A 937 -41.96 -40.64 19.51
N LEU A 938 -41.78 -40.13 18.29
CA LEU A 938 -42.70 -40.43 17.21
C LEU A 938 -42.68 -41.91 16.85
N VAL A 939 -41.50 -42.52 16.83
CA VAL A 939 -41.40 -43.95 16.54
C VAL A 939 -42.11 -44.76 17.62
N SER A 940 -42.03 -44.29 18.88
CA SER A 940 -42.69 -45.01 19.96
C SER A 940 -44.21 -45.09 19.74
N LYS A 941 -44.80 -44.04 19.20
CA LYS A 941 -46.22 -44.03 18.89
C LYS A 941 -46.54 -44.73 17.57
N GLY A 942 -45.52 -45.11 16.80
CA GLY A 942 -45.72 -45.84 15.58
C GLY A 942 -46.10 -45.02 14.37
N VAL A 943 -46.23 -43.70 14.53
CA VAL A 943 -46.58 -42.85 13.39
C VAL A 943 -45.47 -42.88 12.34
N SER A 944 -44.22 -42.76 12.77
CA SER A 944 -43.08 -42.79 11.89
C SER A 944 -42.36 -44.14 12.00
N THR A 945 -41.25 -44.25 11.29
CA THR A 945 -40.49 -45.49 11.26
C THR A 945 -39.02 -45.14 11.04
N PHE A 946 -38.14 -46.03 11.51
CA PHE A 946 -36.73 -45.90 11.19
C PHE A 946 -36.53 -46.01 9.68
N SER A 947 -35.37 -45.55 9.22
CA SER A 947 -35.00 -45.29 7.83
C SER A 947 -35.63 -44.00 7.34
N LYS A 948 -36.44 -43.33 8.16
CA LYS A 948 -37.04 -42.05 7.83
C LYS A 948 -36.55 -40.92 8.70
N VAL A 949 -36.44 -41.15 10.02
CA VAL A 949 -35.89 -40.14 10.91
C VAL A 949 -34.43 -39.87 10.60
N ILE A 950 -33.65 -40.95 10.44
CA ILE A 950 -32.21 -40.79 10.21
C ILE A 950 -31.95 -40.12 8.87
N LYS A 951 -32.77 -40.42 7.85
CA LYS A 951 -32.59 -39.80 6.55
C LYS A 951 -32.82 -38.30 6.62
N VAL A 952 -33.96 -37.89 7.19
CA VAL A 952 -34.29 -36.47 7.25
C VAL A 952 -33.35 -35.74 8.20
N PHE A 953 -32.73 -36.43 9.15
CA PHE A 953 -31.75 -35.75 9.99
C PHE A 953 -30.44 -35.55 9.23
N VAL A 954 -29.93 -36.60 8.61
CA VAL A 954 -28.62 -36.52 7.95
C VAL A 954 -28.66 -35.55 6.78
N VAL A 955 -29.67 -35.68 5.91
CA VAL A 955 -29.70 -34.85 4.72
C VAL A 955 -29.86 -33.38 5.10
N LEU A 956 -30.69 -33.10 6.10
CA LEU A 956 -30.90 -31.72 6.52
C LEU A 956 -29.68 -31.13 7.20
N VAL A 957 -28.96 -31.90 8.01
CA VAL A 957 -27.72 -31.38 8.59
C VAL A 957 -26.71 -31.08 7.50
N ILE A 958 -26.53 -32.00 6.54
CA ILE A 958 -25.53 -31.79 5.50
C ILE A 958 -25.91 -30.61 4.61
N THR A 959 -27.21 -30.43 4.33
CA THR A 959 -27.59 -29.28 3.51
C THR A 959 -27.54 -27.97 4.29
N ALA A 960 -27.73 -28.01 5.60
CA ALA A 960 -27.50 -26.81 6.41
C ALA A 960 -26.03 -26.47 6.50
N ASN A 961 -25.16 -27.46 6.28
CA ASN A 961 -23.73 -27.17 6.21
C ASN A 961 -23.41 -26.21 5.06
N SER A 962 -24.06 -26.39 3.92
CA SER A 962 -23.68 -25.63 2.73
C SER A 962 -24.10 -24.16 2.82
N VAL A 963 -25.09 -23.84 3.65
CA VAL A 963 -25.58 -22.47 3.74
C VAL A 963 -24.52 -21.52 4.34
N ALA A 964 -23.51 -22.08 5.00
CA ALA A 964 -22.49 -21.25 5.64
C ALA A 964 -21.74 -20.41 4.61
N GLU A 965 -21.38 -21.02 3.46
CA GLU A 965 -20.67 -20.26 2.44
C GLU A 965 -21.54 -19.15 1.86
N THR A 966 -22.82 -19.44 1.62
CA THR A 966 -23.72 -18.43 1.10
C THR A 966 -23.84 -17.26 2.08
N VAL A 967 -23.94 -17.55 3.37
CA VAL A 967 -23.97 -16.49 4.37
C VAL A 967 -22.65 -15.73 4.37
N SER A 968 -21.53 -16.43 4.20
CA SER A 968 -20.23 -15.78 4.24
C SER A 968 -20.03 -14.83 3.08
N LEU A 969 -20.61 -15.12 1.91
CA LEU A 969 -20.48 -14.23 0.77
C LEU A 969 -21.45 -13.07 0.79
N ALA A 970 -22.37 -13.03 1.77
CA ALA A 970 -23.35 -11.96 1.82
C ALA A 970 -22.76 -10.56 1.97
N PRO A 971 -21.81 -10.29 2.87
CA PRO A 971 -21.36 -8.90 3.06
C PRO A 971 -20.71 -8.28 1.83
N GLU A 972 -20.23 -9.08 0.88
CA GLU A 972 -19.59 -8.57 -0.32
C GLU A 972 -20.56 -8.41 -1.48
N ILE A 973 -21.87 -8.56 -1.25
CA ILE A 973 -22.85 -8.40 -2.32
C ILE A 973 -23.50 -7.02 -2.26
N ILE A 974 -24.15 -6.70 -1.14
CA ILE A 974 -24.83 -5.42 -1.02
C ILE A 974 -23.82 -4.28 -0.92
N ARG A 975 -22.74 -4.47 -0.18
CA ARG A 975 -21.72 -3.44 -0.01
C ARG A 975 -20.75 -3.48 -1.19
N GLY A 976 -21.28 -3.06 -2.34
CA GLY A 976 -20.46 -3.00 -3.53
C GLY A 976 -19.44 -1.87 -3.46
N GLY A 977 -18.40 -1.99 -4.29
CA GLY A 977 -17.34 -1.03 -4.29
C GLY A 977 -16.28 -1.23 -3.23
N GLU A 978 -16.34 -2.34 -2.49
CA GLU A 978 -15.35 -2.59 -1.44
C GLU A 978 -13.95 -2.73 -2.04
N ALA A 979 -13.84 -3.41 -3.18
CA ALA A 979 -12.58 -3.50 -3.90
C ALA A 979 -12.81 -3.13 -5.36
N VAL A 980 -14.01 -3.44 -5.85
CA VAL A 980 -14.38 -3.12 -7.24
C VAL A 980 -15.04 -1.74 -7.20
N GLY A 981 -14.22 -0.71 -7.17
CA GLY A 981 -14.71 0.65 -7.16
C GLY A 981 -14.19 1.43 -8.36
N SER A 982 -13.05 0.98 -8.89
CA SER A 982 -12.45 1.60 -10.06
C SER A 982 -13.12 1.18 -11.36
N VAL A 983 -14.06 0.23 -11.31
CA VAL A 983 -14.71 -0.24 -12.52
C VAL A 983 -15.52 0.88 -13.16
N PHE A 984 -16.20 1.69 -12.35
CA PHE A 984 -17.01 2.79 -12.85
C PHE A 984 -16.55 4.16 -12.36
N SER A 985 -15.52 4.20 -11.50
CA SER A 985 -15.06 5.50 -11.01
C SER A 985 -14.48 6.35 -12.13
N VAL A 986 -13.70 5.75 -13.01
CA VAL A 986 -13.07 6.48 -14.11
C VAL A 986 -13.64 6.11 -15.47
N LEU A 987 -14.37 5.01 -15.59
CA LEU A 987 -14.96 4.64 -16.87
C LEU A 987 -16.06 5.62 -17.28
N ASP A 988 -16.88 6.06 -16.32
CA ASP A 988 -17.98 6.97 -16.60
C ASP A 988 -17.66 8.41 -16.22
N ARG A 989 -16.40 8.70 -15.89
CA ARG A 989 -16.01 10.05 -15.52
C ARG A 989 -16.18 10.97 -16.72
N GLN A 990 -16.77 12.15 -16.48
CA GLN A 990 -17.04 13.09 -17.56
C GLN A 990 -15.89 14.05 -17.76
N THR A 991 -15.47 14.24 -19.01
CA THR A 991 -14.39 15.13 -19.37
C THR A 991 -14.92 16.49 -19.79
N ARG A 992 -14.05 17.49 -19.73
CA ARG A 992 -14.38 18.84 -20.16
C ARG A 992 -14.03 19.08 -21.63
N ILE A 993 -12.92 18.52 -22.10
CA ILE A 993 -12.49 18.65 -23.49
C ILE A 993 -12.59 17.29 -24.15
N ASP A 994 -13.40 17.20 -25.20
CA ASP A 994 -13.56 15.96 -25.94
C ASP A 994 -12.75 16.05 -27.23
N PRO A 995 -11.70 15.24 -27.39
CA PRO A 995 -10.87 15.35 -28.60
C PRO A 995 -11.63 15.17 -29.90
N ASP A 996 -12.59 14.25 -29.94
CA ASP A 996 -13.33 13.93 -31.15
C ASP A 996 -14.77 14.39 -30.96
N ASP A 997 -15.11 15.51 -31.59
CA ASP A 997 -16.47 16.07 -31.55
C ASP A 997 -17.07 16.00 -32.94
N ALA A 998 -18.22 15.33 -33.05
CA ALA A 998 -18.91 15.26 -34.33
C ALA A 998 -19.37 16.64 -34.80
N ASP A 999 -19.89 17.45 -33.88
CA ASP A 999 -20.36 18.78 -34.24
C ASP A 999 -19.22 19.74 -34.57
N ALA A 1000 -17.99 19.42 -34.16
CA ALA A 1000 -16.86 20.29 -34.44
C ALA A 1000 -16.57 20.34 -35.93
N ASP A 1001 -16.26 21.53 -36.42
CA ASP A 1001 -15.95 21.69 -37.83
C ASP A 1001 -14.59 21.05 -38.15
N PRO A 1002 -14.49 20.34 -39.26
CA PRO A 1002 -13.20 19.77 -39.65
C PRO A 1002 -12.18 20.84 -40.01
N VAL A 1003 -10.92 20.51 -39.81
CA VAL A 1003 -9.81 21.42 -40.08
C VAL A 1003 -9.06 20.90 -41.30
N GLU A 1004 -8.99 21.71 -42.35
CA GLU A 1004 -8.30 21.34 -43.59
C GLU A 1004 -6.92 21.96 -43.69
N THR A 1005 -6.83 23.28 -43.62
CA THR A 1005 -5.57 23.99 -43.74
C THR A 1005 -5.50 25.09 -42.70
N ILE A 1006 -4.27 25.44 -42.30
CA ILE A 1006 -4.02 26.48 -41.32
C ILE A 1006 -2.87 27.35 -41.80
N ARG A 1007 -3.04 28.67 -41.70
CA ARG A 1007 -2.00 29.60 -42.12
C ARG A 1007 -0.87 29.71 -41.11
N GLY A 1008 -1.11 29.37 -39.85
CA GLY A 1008 -0.08 29.43 -38.83
C GLY A 1008 0.07 30.77 -38.15
N ASP A 1009 -0.99 31.27 -37.55
CA ASP A 1009 -0.97 32.53 -36.81
C ASP A 1009 -1.31 32.26 -35.35
N ILE A 1010 -0.52 32.82 -34.44
CA ILE A 1010 -0.68 32.63 -33.01
C ILE A 1010 -0.91 33.97 -32.34
N GLU A 1011 -1.96 34.04 -31.52
CA GLU A 1011 -2.28 35.26 -30.79
C GLU A 1011 -3.11 34.89 -29.57
N PHE A 1012 -2.89 35.60 -28.47
CA PHE A 1012 -3.67 35.40 -27.25
C PHE A 1012 -4.29 36.72 -26.81
N ARG A 1013 -5.59 36.68 -26.52
CA ARG A 1013 -6.30 37.81 -25.96
C ARG A 1013 -6.02 37.87 -24.45
N HIS A 1014 -6.80 38.67 -23.73
CA HIS A 1014 -6.55 38.85 -22.31
C HIS A 1014 -6.89 37.57 -21.56
N VAL A 1015 -5.88 36.71 -21.36
CA VAL A 1015 -6.08 35.36 -20.85
C VAL A 1015 -5.11 35.11 -19.71
N ASP A 1016 -5.64 34.46 -18.67
CA ASP A 1016 -4.82 34.03 -17.54
C ASP A 1016 -5.22 32.61 -17.17
N PHE A 1017 -4.28 31.89 -16.55
CA PHE A 1017 -4.49 30.48 -16.23
C PHE A 1017 -3.80 30.16 -14.91
N ALA A 1018 -4.33 29.16 -14.22
CA ALA A 1018 -3.73 28.63 -12.99
C ALA A 1018 -3.65 27.13 -13.09
N TYR A 1019 -2.54 26.58 -12.59
CA TYR A 1019 -2.34 25.13 -12.67
C TYR A 1019 -3.41 24.41 -11.87
N PRO A 1020 -4.01 23.35 -12.42
CA PRO A 1020 -5.05 22.64 -11.67
C PRO A 1020 -4.51 21.79 -10.53
N SER A 1021 -3.22 21.47 -10.53
CA SER A 1021 -2.65 20.73 -9.41
C SER A 1021 -2.74 21.53 -8.11
N ARG A 1022 -2.45 22.83 -8.18
CA ARG A 1022 -2.59 23.72 -7.03
C ARG A 1022 -3.04 25.07 -7.54
N PRO A 1023 -4.35 25.36 -7.50
CA PRO A 1023 -4.85 26.63 -8.04
C PRO A 1023 -4.44 27.86 -7.25
N ASP A 1024 -3.72 27.71 -6.14
CA ASP A 1024 -3.29 28.87 -5.37
C ASP A 1024 -2.32 29.74 -6.17
N VAL A 1025 -1.51 29.13 -7.03
CA VAL A 1025 -0.58 29.89 -7.86
C VAL A 1025 -1.35 30.68 -8.90
N MET A 1026 -1.07 31.98 -8.98
CA MET A 1026 -1.76 32.90 -9.88
C MET A 1026 -0.73 33.76 -10.62
N VAL A 1027 0.29 33.12 -11.17
CA VAL A 1027 1.35 33.85 -11.85
C VAL A 1027 0.80 34.60 -13.06
N PHE A 1028 -0.16 34.01 -13.77
CA PHE A 1028 -0.71 34.62 -14.97
C PHE A 1028 -1.68 35.72 -14.60
N ARG A 1029 -1.39 36.93 -15.09
CA ARG A 1029 -2.22 38.11 -14.80
C ARG A 1029 -2.37 38.90 -16.11
N ASP A 1030 -3.45 38.61 -16.84
CA ASP A 1030 -3.78 39.32 -18.08
C ASP A 1030 -2.66 39.19 -19.10
N PHE A 1031 -2.43 37.95 -19.54
CA PHE A 1031 -1.35 37.65 -20.46
C PHE A 1031 -1.79 37.83 -21.91
N ASN A 1032 -0.93 38.45 -22.72
CA ASN A 1032 -1.21 38.72 -24.12
C ASN A 1032 0.07 38.60 -24.93
N LEU A 1033 -0.07 38.11 -26.17
CA LEU A 1033 1.06 38.03 -27.09
C LEU A 1033 0.55 37.81 -28.50
N ARG A 1034 1.45 38.04 -29.47
CA ARG A 1034 1.12 37.99 -30.88
C ARG A 1034 2.35 37.56 -31.66
N ILE A 1035 2.18 36.63 -32.60
CA ILE A 1035 3.21 36.25 -33.55
C ILE A 1035 2.62 36.29 -34.95
N ARG A 1036 3.21 37.09 -35.83
CA ARG A 1036 2.70 37.22 -37.18
C ARG A 1036 2.93 35.93 -37.97
N ALA A 1037 2.09 35.72 -38.98
CA ALA A 1037 2.17 34.52 -39.79
C ALA A 1037 3.48 34.48 -40.58
N GLY A 1038 4.08 33.29 -40.64
CA GLY A 1038 5.33 33.12 -41.36
C GLY A 1038 6.54 33.72 -40.68
N HIS A 1039 6.48 33.94 -39.37
CA HIS A 1039 7.57 34.54 -38.62
C HIS A 1039 8.02 33.59 -37.51
N SER A 1040 8.96 34.07 -36.69
CA SER A 1040 9.51 33.30 -35.59
C SER A 1040 9.51 34.15 -34.32
N GLN A 1041 9.51 33.48 -33.18
CA GLN A 1041 9.49 34.15 -31.89
C GLN A 1041 10.49 33.48 -30.96
N ALA A 1042 11.06 34.27 -30.05
CA ALA A 1042 12.19 33.83 -29.23
C ALA A 1042 11.98 34.21 -27.77
N LEU A 1043 10.80 33.86 -27.21
CA LEU A 1043 10.55 34.09 -25.80
C LEU A 1043 11.67 33.51 -24.93
N VAL A 1044 12.04 34.26 -23.90
CA VAL A 1044 13.11 33.87 -22.99
C VAL A 1044 12.48 33.22 -21.76
N GLY A 1045 13.23 32.32 -21.12
CA GLY A 1045 12.73 31.67 -19.92
C GLY A 1045 12.54 32.64 -18.78
N ALA A 1046 13.45 33.60 -18.62
CA ALA A 1046 13.38 34.64 -17.60
C ALA A 1046 13.33 34.03 -16.19
N SER A 1047 14.37 33.26 -15.87
CA SER A 1047 14.54 32.65 -14.55
C SER A 1047 13.34 31.77 -14.19
N GLY A 1048 12.80 31.07 -15.18
CA GLY A 1048 11.70 30.16 -14.94
C GLY A 1048 10.44 30.81 -14.42
N SER A 1049 10.07 31.96 -14.97
CA SER A 1049 8.83 32.65 -14.59
C SER A 1049 7.68 32.10 -15.42
N GLY A 1050 7.37 30.84 -15.16
CA GLY A 1050 6.35 30.14 -15.93
C GLY A 1050 6.73 29.94 -17.37
N LYS A 1051 8.01 29.67 -17.64
CA LYS A 1051 8.46 29.50 -19.02
C LYS A 1051 7.83 28.27 -19.67
N SER A 1052 7.75 27.17 -18.94
CA SER A 1052 7.16 25.94 -19.48
C SER A 1052 5.66 25.89 -19.21
N SER A 1053 4.97 26.97 -19.54
CA SER A 1053 3.52 27.07 -19.41
C SER A 1053 2.85 27.54 -20.68
N VAL A 1054 3.49 28.44 -21.43
CA VAL A 1054 2.95 28.85 -22.72
C VAL A 1054 2.98 27.69 -23.70
N ILE A 1055 3.96 26.80 -23.54
CA ILE A 1055 4.03 25.61 -24.39
C ILE A 1055 2.78 24.76 -24.21
N ALA A 1056 2.20 24.76 -23.02
CA ALA A 1056 1.05 23.94 -22.71
C ALA A 1056 -0.29 24.61 -23.01
N MET A 1057 -0.29 25.89 -23.42
CA MET A 1057 -1.54 26.61 -23.66
C MET A 1057 -1.83 26.88 -25.12
N ILE A 1058 -0.83 26.84 -26.01
CA ILE A 1058 -1.09 27.07 -27.42
C ILE A 1058 -2.01 25.99 -27.98
N GLU A 1059 -1.74 24.73 -27.65
CA GLU A 1059 -2.64 23.63 -27.95
C GLU A 1059 -3.27 23.12 -26.65
N ARG A 1060 -4.36 22.39 -26.81
CA ARG A 1060 -5.26 22.14 -25.68
C ARG A 1060 -4.78 21.05 -24.73
N PHE A 1061 -3.61 21.24 -24.11
CA PHE A 1061 -3.32 20.50 -22.89
C PHE A 1061 -4.16 21.02 -21.72
N TYR A 1062 -4.35 22.32 -21.65
CA TYR A 1062 -5.23 22.91 -20.64
C TYR A 1062 -6.25 23.82 -21.31
N ASP A 1063 -7.06 24.50 -20.51
CA ASP A 1063 -8.08 25.40 -21.03
C ASP A 1063 -7.96 26.76 -20.36
N PRO A 1064 -8.24 27.84 -21.09
CA PRO A 1064 -8.13 29.18 -20.50
C PRO A 1064 -9.21 29.41 -19.46
N LEU A 1065 -8.79 29.76 -18.24
CA LEU A 1065 -9.75 30.07 -17.19
C LEU A 1065 -10.58 31.30 -17.55
N ALA A 1066 -9.94 32.32 -18.10
CA ALA A 1066 -10.62 33.53 -18.54
C ALA A 1066 -10.04 33.96 -19.88
N GLY A 1067 -10.84 34.73 -20.62
CA GLY A 1067 -10.41 35.22 -21.91
C GLY A 1067 -10.65 34.22 -23.02
N LYS A 1068 -10.20 34.60 -24.22
CA LYS A 1068 -10.42 33.82 -25.43
C LYS A 1068 -9.09 33.60 -26.14
N VAL A 1069 -8.90 32.39 -26.66
CA VAL A 1069 -7.74 32.04 -27.48
C VAL A 1069 -8.14 32.19 -28.94
N MET A 1070 -7.32 32.92 -29.70
CA MET A 1070 -7.64 33.31 -31.06
C MET A 1070 -6.63 32.68 -32.02
N ILE A 1071 -7.12 32.03 -33.07
CA ILE A 1071 -6.24 31.38 -34.03
C ILE A 1071 -6.96 31.23 -35.36
N ASP A 1072 -6.28 31.62 -36.44
CA ASP A 1072 -6.71 31.34 -37.81
C ASP A 1072 -8.15 31.82 -38.07
N GLY A 1073 -8.54 32.90 -37.41
CA GLY A 1073 -9.86 33.45 -37.64
C GLY A 1073 -11.00 32.69 -37.01
N LYS A 1074 -10.72 31.69 -36.17
CA LYS A 1074 -11.75 30.88 -35.54
C LYS A 1074 -11.40 30.64 -34.08
N ASP A 1075 -12.42 30.47 -33.24
CA ASP A 1075 -12.18 30.12 -31.85
C ASP A 1075 -11.66 28.69 -31.76
N ILE A 1076 -10.78 28.46 -30.79
CA ILE A 1076 -10.14 27.15 -30.67
C ILE A 1076 -11.16 26.08 -30.31
N ARG A 1077 -12.10 26.40 -29.42
CA ARG A 1077 -13.02 25.38 -28.89
C ARG A 1077 -14.30 25.29 -29.71
N ARG A 1078 -14.16 25.17 -31.04
CA ARG A 1078 -15.26 24.68 -31.87
C ARG A 1078 -14.74 23.88 -33.06
N LEU A 1079 -13.47 23.52 -33.08
CA LEU A 1079 -12.86 22.79 -34.18
C LEU A 1079 -12.38 21.43 -33.68
N ASN A 1080 -12.41 20.44 -34.58
CA ASN A 1080 -11.93 19.10 -34.25
C ASN A 1080 -10.42 19.14 -34.11
N LEU A 1081 -9.94 19.23 -32.87
CA LEU A 1081 -8.51 19.36 -32.63
C LEU A 1081 -7.73 18.08 -32.93
N LYS A 1082 -8.41 16.94 -33.09
CA LYS A 1082 -7.72 15.75 -33.56
C LYS A 1082 -7.21 15.95 -34.98
N SER A 1083 -7.99 16.64 -35.81
CA SER A 1083 -7.57 16.99 -37.16
C SER A 1083 -6.67 18.22 -37.20
N LEU A 1084 -6.49 18.91 -36.07
CA LEU A 1084 -5.66 20.10 -36.02
C LEU A 1084 -4.28 19.83 -35.46
N ARG A 1085 -4.14 18.93 -34.49
CA ARG A 1085 -2.85 18.63 -33.89
C ARG A 1085 -1.92 17.91 -34.85
N LEU A 1086 -2.46 17.33 -35.93
CA LEU A 1086 -1.61 16.68 -36.92
C LEU A 1086 -0.80 17.67 -37.74
N LYS A 1087 -1.12 18.96 -37.66
CA LYS A 1087 -0.39 20.00 -38.37
C LYS A 1087 0.45 20.86 -37.44
N ILE A 1088 0.59 20.50 -36.17
CA ILE A 1088 1.40 21.23 -35.21
C ILE A 1088 2.28 20.25 -34.48
N GLY A 1089 3.57 20.57 -34.37
CA GLY A 1089 4.52 19.72 -33.68
C GLY A 1089 5.29 20.50 -32.62
N LEU A 1090 5.88 19.75 -31.70
CA LEU A 1090 6.67 20.32 -30.61
C LEU A 1090 7.88 19.43 -30.36
N VAL A 1091 8.71 19.85 -29.40
CA VAL A 1091 9.90 19.10 -29.02
C VAL A 1091 9.86 18.86 -27.52
N GLN A 1092 10.09 17.61 -27.12
CA GLN A 1092 10.06 17.26 -25.71
C GLN A 1092 11.24 17.86 -24.97
N GLN A 1093 11.07 18.02 -23.65
CA GLN A 1093 12.13 18.52 -22.78
C GLN A 1093 12.95 17.39 -22.19
N GLU A 1094 12.30 16.51 -21.42
CA GLU A 1094 12.98 15.38 -20.81
C GLU A 1094 12.99 14.21 -21.79
N PRO A 1095 14.15 13.67 -22.15
CA PRO A 1095 14.17 12.58 -23.13
C PRO A 1095 13.41 11.37 -22.64
N ALA A 1096 12.67 10.74 -23.56
CA ALA A 1096 11.90 9.54 -23.26
C ALA A 1096 11.49 8.85 -24.56
N LEU A 1097 11.65 7.53 -24.62
CA LEU A 1097 11.38 6.79 -25.84
C LEU A 1097 10.54 5.56 -25.54
N PHE A 1098 9.70 5.19 -26.50
CA PHE A 1098 8.85 4.02 -26.35
C PHE A 1098 9.68 2.75 -26.41
N ALA A 1099 9.17 1.70 -25.76
CA ALA A 1099 9.83 0.39 -25.74
C ALA A 1099 9.58 -0.32 -27.06
N ALA A 1100 10.19 0.22 -28.12
CA ALA A 1100 10.05 -0.32 -29.45
C ALA A 1100 11.27 0.06 -30.28
N THR A 1101 11.48 -0.69 -31.36
CA THR A 1101 12.60 -0.42 -32.26
C THR A 1101 12.36 0.88 -33.02
N ILE A 1102 13.46 1.50 -33.44
CA ILE A 1102 13.38 2.79 -34.15
C ILE A 1102 13.29 2.47 -35.64
N PHE A 1103 12.10 2.11 -36.06
CA PHE A 1103 11.65 2.16 -37.45
C PHE A 1103 10.31 2.85 -37.58
N ASP A 1104 9.41 2.62 -36.63
CA ASP A 1104 8.18 3.39 -36.51
C ASP A 1104 8.27 4.48 -35.45
N ASN A 1105 9.28 4.43 -34.59
CA ASN A 1105 9.48 5.49 -33.61
C ASN A 1105 9.72 6.84 -34.29
N ILE A 1106 10.59 6.85 -35.30
CA ILE A 1106 10.77 8.06 -36.09
C ILE A 1106 9.65 8.25 -37.10
N ALA A 1107 8.88 7.20 -37.37
CA ALA A 1107 7.71 7.28 -38.24
C ALA A 1107 6.42 7.47 -37.46
N TYR A 1108 6.51 7.68 -36.14
CA TYR A 1108 5.32 7.86 -35.32
C TYR A 1108 4.55 9.12 -35.70
N GLY A 1109 5.20 10.08 -36.36
CA GLY A 1109 4.55 11.31 -36.75
C GLY A 1109 3.70 11.24 -38.00
N LYS A 1110 3.67 10.10 -38.68
CA LYS A 1110 2.88 9.94 -39.89
C LYS A 1110 2.33 8.53 -39.97
N ASP A 1111 1.27 8.37 -40.77
CA ASP A 1111 0.69 7.06 -41.03
C ASP A 1111 1.30 6.48 -42.30
N GLY A 1112 1.87 5.29 -42.20
CA GLY A 1112 2.54 4.68 -43.32
C GLY A 1112 4.04 4.91 -43.27
N ALA A 1113 4.80 3.87 -42.93
CA ALA A 1113 6.24 3.97 -42.75
C ALA A 1113 6.93 3.30 -43.93
N THR A 1114 7.46 4.12 -44.84
CA THR A 1114 8.25 3.64 -45.96
C THR A 1114 9.67 4.14 -45.81
N GLU A 1115 10.64 3.29 -46.13
CA GLU A 1115 12.05 3.57 -45.86
C GLU A 1115 12.55 4.81 -46.58
N SER A 1116 11.88 5.24 -47.65
CA SER A 1116 12.35 6.37 -48.43
C SER A 1116 12.49 7.62 -47.56
N GLU A 1117 11.46 7.94 -46.79
CA GLU A 1117 11.54 9.06 -45.86
C GLU A 1117 12.13 8.67 -44.51
N VAL A 1118 12.19 7.37 -44.21
CA VAL A 1118 12.87 6.93 -43.00
C VAL A 1118 14.35 7.29 -43.05
N ILE A 1119 14.99 7.04 -44.20
CA ILE A 1119 16.38 7.45 -44.37
C ILE A 1119 16.50 8.97 -44.39
N ASP A 1120 15.51 9.65 -45.00
CA ASP A 1120 15.55 11.10 -45.06
C ASP A 1120 15.51 11.73 -43.68
N ALA A 1121 14.73 11.17 -42.77
CA ALA A 1121 14.69 11.67 -41.40
C ALA A 1121 16.06 11.56 -40.74
N ALA A 1122 16.72 10.41 -40.92
CA ALA A 1122 18.05 10.23 -40.33
C ALA A 1122 19.05 11.20 -40.92
N ARG A 1123 18.99 11.43 -42.24
CA ARG A 1123 19.90 12.39 -42.85
C ARG A 1123 19.64 13.81 -42.35
N ALA A 1124 18.37 14.20 -42.22
CA ALA A 1124 18.05 15.54 -41.74
C ALA A 1124 18.48 15.74 -40.30
N ALA A 1125 18.26 14.73 -39.46
CA ALA A 1125 18.67 14.81 -38.06
C ALA A 1125 20.16 14.54 -37.87
N ASN A 1126 20.87 14.19 -38.94
CA ASN A 1126 22.30 13.89 -38.94
C ASN A 1126 22.65 12.65 -38.14
N ALA A 1127 21.66 11.83 -37.80
CA ALA A 1127 21.89 10.57 -37.12
C ALA A 1127 22.18 9.42 -38.07
N HIS A 1128 22.18 9.68 -39.38
CA HIS A 1128 22.46 8.62 -40.35
C HIS A 1128 23.86 8.07 -40.17
N GLY A 1129 24.84 8.93 -39.91
CA GLY A 1129 26.18 8.46 -39.65
C GLY A 1129 26.36 7.82 -38.30
N PHE A 1130 25.37 7.92 -37.42
CA PHE A 1130 25.42 7.35 -36.08
C PHE A 1130 24.45 6.18 -35.91
N ILE A 1131 23.18 6.38 -36.24
CA ILE A 1131 22.18 5.33 -36.06
C ILE A 1131 22.43 4.17 -37.02
N SER A 1132 22.66 4.49 -38.30
CA SER A 1132 22.87 3.45 -39.29
C SER A 1132 24.22 2.74 -39.11
N GLY A 1133 25.16 3.36 -38.41
CA GLY A 1133 26.42 2.73 -38.10
C GLY A 1133 26.38 1.71 -36.98
N LEU A 1134 25.23 1.58 -36.32
CA LEU A 1134 25.09 0.60 -35.26
C LEU A 1134 25.20 -0.81 -35.85
N PRO A 1135 25.86 -1.74 -35.16
CA PRO A 1135 26.05 -3.08 -35.75
C PRO A 1135 24.76 -3.79 -36.08
N GLU A 1136 23.71 -3.62 -35.28
CA GLU A 1136 22.44 -4.28 -35.53
C GLU A 1136 21.47 -3.44 -36.36
N GLY A 1137 21.90 -2.27 -36.82
CA GLY A 1137 21.09 -1.48 -37.74
C GLY A 1137 19.89 -0.82 -37.08
N TYR A 1138 18.91 -0.51 -37.94
CA TYR A 1138 17.70 0.17 -37.47
C TYR A 1138 16.91 -0.69 -36.51
N LYS A 1139 16.81 -1.99 -36.79
CA LYS A 1139 15.96 -2.87 -36.00
C LYS A 1139 16.60 -3.17 -34.65
N THR A 1140 16.52 -2.21 -33.72
CA THR A 1140 17.11 -2.37 -32.40
C THR A 1140 16.22 -1.74 -31.34
N PRO A 1141 16.10 -2.37 -30.17
CA PRO A 1141 15.32 -1.78 -29.07
C PRO A 1141 16.10 -0.64 -28.43
N VAL A 1142 15.53 0.55 -28.46
CA VAL A 1142 16.19 1.75 -27.95
C VAL A 1142 15.54 2.29 -26.70
N GLY A 1143 14.31 1.88 -26.38
CA GLY A 1143 13.65 2.38 -25.18
C GLY A 1143 14.15 1.67 -23.93
N GLU A 1144 13.24 1.29 -23.04
CA GLU A 1144 13.67 0.60 -21.83
C GLU A 1144 13.85 -0.89 -22.12
N ARG A 1145 14.55 -1.20 -23.21
CA ARG A 1145 14.86 -2.57 -23.60
C ARG A 1145 16.15 -2.55 -24.42
N GLY A 1146 16.85 -3.68 -24.40
CA GLY A 1146 18.04 -3.82 -25.22
C GLY A 1146 19.09 -2.78 -24.87
N VAL A 1147 19.60 -2.12 -25.90
CA VAL A 1147 20.64 -1.11 -25.72
C VAL A 1147 20.02 0.18 -25.20
N GLN A 1148 20.66 0.77 -24.20
CA GLN A 1148 20.25 2.04 -23.63
C GLN A 1148 21.18 3.13 -24.15
N LEU A 1149 20.64 4.07 -24.91
CA LEU A 1149 21.44 5.14 -25.49
C LEU A 1149 21.59 6.30 -24.51
N SER A 1150 22.54 7.19 -24.81
CA SER A 1150 22.78 8.34 -23.97
C SER A 1150 21.64 9.34 -24.08
N GLY A 1151 21.47 10.14 -23.02
CA GLY A 1151 20.43 11.16 -23.03
C GLY A 1151 20.72 12.32 -23.96
N GLY A 1152 21.98 12.53 -24.32
CA GLY A 1152 22.36 13.59 -25.22
C GLY A 1152 22.16 13.29 -26.69
N GLN A 1153 21.74 12.07 -27.03
CA GLN A 1153 21.50 11.70 -28.42
C GLN A 1153 20.06 11.31 -28.70
N LYS A 1154 19.20 11.27 -27.67
CA LYS A 1154 17.78 11.02 -27.90
C LYS A 1154 17.12 12.20 -28.59
N GLN A 1155 17.69 13.40 -28.43
CA GLN A 1155 17.18 14.56 -29.17
C GLN A 1155 17.33 14.38 -30.68
N ARG A 1156 18.30 13.57 -31.12
CA ARG A 1156 18.41 13.26 -32.54
C ARG A 1156 17.15 12.59 -33.05
N ILE A 1157 16.69 11.55 -32.35
CA ILE A 1157 15.45 10.88 -32.73
C ILE A 1157 14.26 11.82 -32.56
N ALA A 1158 14.29 12.63 -31.49
CA ALA A 1158 13.18 13.54 -31.24
C ALA A 1158 12.99 14.53 -32.40
N ILE A 1159 14.09 15.09 -32.89
CA ILE A 1159 14.02 16.00 -34.04
C ILE A 1159 13.81 15.27 -35.35
N ALA A 1160 14.20 14.00 -35.44
CA ALA A 1160 13.91 13.22 -36.64
C ALA A 1160 12.41 12.97 -36.78
N ARG A 1161 11.73 12.70 -35.66
CA ARG A 1161 10.29 12.47 -35.73
C ARG A 1161 9.52 13.70 -36.19
N ALA A 1162 10.01 14.91 -35.89
CA ALA A 1162 9.26 16.11 -36.22
C ALA A 1162 9.24 16.40 -37.71
N VAL A 1163 10.31 16.05 -38.43
CA VAL A 1163 10.42 16.45 -39.83
C VAL A 1163 9.40 15.70 -40.70
N LEU A 1164 9.01 14.49 -40.30
CA LEU A 1164 8.01 13.75 -41.08
C LEU A 1164 6.67 14.48 -41.07
N LYS A 1165 6.26 15.00 -39.91
CA LYS A 1165 4.98 15.70 -39.84
C LYS A 1165 4.98 16.95 -40.72
N ASN A 1166 6.10 17.67 -40.76
CA ASN A 1166 6.21 18.93 -41.48
C ASN A 1166 5.10 19.90 -41.05
N PRO A 1167 5.04 20.26 -39.77
CA PRO A 1167 3.93 21.08 -39.29
C PRO A 1167 4.04 22.51 -39.78
N THR A 1168 2.88 23.16 -39.91
CA THR A 1168 2.86 24.58 -40.24
C THR A 1168 3.33 25.42 -39.07
N VAL A 1169 3.04 24.98 -37.84
CA VAL A 1169 3.44 25.68 -36.63
C VAL A 1169 4.37 24.76 -35.84
N LEU A 1170 5.52 25.28 -35.43
CA LEU A 1170 6.50 24.50 -34.70
C LEU A 1170 6.75 25.14 -33.34
N LEU A 1171 6.94 24.30 -32.33
CA LEU A 1171 7.22 24.73 -30.98
C LEU A 1171 8.55 24.14 -30.52
N LEU A 1172 9.26 24.91 -29.70
CA LEU A 1172 10.54 24.48 -29.13
C LEU A 1172 10.49 24.65 -27.62
N ASP A 1173 11.25 23.81 -26.93
CA ASP A 1173 11.30 23.85 -25.46
C ASP A 1173 12.62 23.27 -25.00
N GLU A 1174 13.55 24.14 -24.62
CA GLU A 1174 14.85 23.74 -24.09
C GLU A 1174 15.03 24.38 -22.74
N ALA A 1175 15.30 23.58 -21.72
CA ALA A 1175 15.45 24.08 -20.36
C ALA A 1175 16.29 23.10 -19.55
N THR A 1176 16.75 23.57 -18.39
CA THR A 1176 17.51 22.78 -17.43
C THR A 1176 18.79 22.20 -18.00
N SER A 1177 19.28 22.77 -19.11
CA SER A 1177 20.51 22.34 -19.77
C SER A 1177 20.48 20.85 -20.06
N ALA A 1178 19.43 20.42 -20.76
CA ALA A 1178 19.25 19.01 -21.08
C ALA A 1178 20.25 18.50 -22.11
N LEU A 1179 21.01 19.40 -22.75
CA LEU A 1179 21.98 18.97 -23.75
C LEU A 1179 23.28 18.53 -23.10
N ASP A 1180 23.90 19.43 -22.32
CA ASP A 1180 25.14 19.14 -21.59
C ASP A 1180 26.24 18.65 -22.53
N ALA A 1181 26.35 19.29 -23.69
CA ALA A 1181 27.37 18.92 -24.67
C ALA A 1181 27.86 20.19 -25.36
N GLU A 1182 29.08 20.60 -25.05
CA GLU A 1182 29.66 21.78 -25.69
C GLU A 1182 29.87 21.53 -27.17
N SER A 1183 29.64 22.57 -27.97
CA SER A 1183 29.74 22.50 -29.44
C SER A 1183 28.82 21.39 -29.97
N GLU A 1184 27.52 21.58 -29.75
CA GLU A 1184 26.54 20.58 -30.12
C GLU A 1184 26.53 20.35 -31.62
N CYS A 1185 26.73 19.09 -32.02
CA CYS A 1185 26.68 18.68 -33.41
C CYS A 1185 25.29 18.21 -33.84
N VAL A 1186 24.25 18.65 -33.14
CA VAL A 1186 22.88 18.28 -33.42
C VAL A 1186 22.01 19.50 -33.68
N LEU A 1187 22.01 20.45 -32.74
CA LEU A 1187 21.15 21.62 -32.86
C LEU A 1187 21.58 22.54 -34.00
N GLN A 1188 22.89 22.62 -34.27
CA GLN A 1188 23.39 23.59 -35.24
C GLN A 1188 22.88 23.28 -36.65
N GLU A 1189 22.84 22.00 -37.02
CA GLU A 1189 22.37 21.61 -38.35
C GLU A 1189 20.88 21.31 -38.40
N ALA A 1190 20.19 21.36 -37.27
CA ALA A 1190 18.75 21.10 -37.23
C ALA A 1190 17.93 22.38 -37.09
N LEU A 1191 18.42 23.37 -36.36
CA LEU A 1191 17.68 24.61 -36.20
C LEU A 1191 17.55 25.36 -37.53
N GLU A 1192 18.59 25.26 -38.37
CA GLU A 1192 18.53 25.90 -39.69
C GLU A 1192 17.40 25.33 -40.53
N ARG A 1193 17.19 24.01 -40.47
CA ARG A 1193 16.00 23.42 -41.08
C ARG A 1193 14.73 23.83 -40.33
N LEU A 1194 14.86 24.08 -39.03
CA LEU A 1194 13.70 24.39 -38.20
C LEU A 1194 13.06 25.71 -38.62
N MET A 1195 13.86 26.76 -38.83
CA MET A 1195 13.27 28.03 -39.23
C MET A 1195 12.75 28.02 -40.66
N ARG A 1196 13.34 27.23 -41.55
CA ARG A 1196 13.03 27.32 -42.98
C ARG A 1196 11.56 26.99 -43.23
N GLY A 1197 10.79 28.00 -43.62
CA GLY A 1197 9.41 27.81 -44.04
C GLY A 1197 8.49 27.32 -42.95
N ARG A 1198 8.63 27.85 -41.74
CA ARG A 1198 7.78 27.44 -40.63
C ARG A 1198 7.60 28.60 -39.66
N THR A 1199 6.45 28.64 -39.01
CA THR A 1199 6.17 29.58 -37.93
C THR A 1199 6.59 28.92 -36.63
N THR A 1200 7.75 29.32 -36.10
CA THR A 1200 8.35 28.65 -34.97
C THR A 1200 8.36 29.54 -33.74
N VAL A 1201 8.01 28.96 -32.60
CA VAL A 1201 8.04 29.66 -31.32
C VAL A 1201 9.00 28.92 -30.40
N VAL A 1202 9.95 29.65 -29.82
CA VAL A 1202 11.02 29.08 -29.02
C VAL A 1202 10.97 29.69 -27.63
N VAL A 1203 11.09 28.85 -26.60
CA VAL A 1203 11.21 29.29 -25.22
C VAL A 1203 12.43 28.62 -24.61
N ALA A 1204 13.28 29.41 -23.97
CA ALA A 1204 14.50 28.88 -23.35
C ALA A 1204 15.00 29.88 -22.32
N HIS A 1205 15.60 29.35 -21.25
CA HIS A 1205 16.18 30.17 -20.20
C HIS A 1205 17.66 30.43 -20.41
N ARG A 1206 18.24 29.94 -21.50
CA ARG A 1206 19.67 30.10 -21.78
C ARG A 1206 19.83 30.92 -23.05
N LEU A 1207 20.69 31.94 -23.00
CA LEU A 1207 20.96 32.79 -24.15
C LEU A 1207 22.04 32.11 -25.02
N SER A 1208 21.64 31.01 -25.64
CA SER A 1208 22.54 30.24 -26.49
C SER A 1208 21.72 29.58 -27.59
N THR A 1209 22.05 29.89 -28.83
CA THR A 1209 21.38 29.32 -30.01
C THR A 1209 19.88 29.56 -29.94
N ILE A 1210 19.49 30.77 -29.50
CA ILE A 1210 18.09 31.15 -29.43
C ILE A 1210 17.90 32.49 -30.14
N ARG A 1211 18.74 32.76 -31.13
CA ARG A 1211 18.72 34.04 -31.83
C ARG A 1211 17.41 34.25 -32.59
N GLY A 1212 16.58 35.16 -32.11
CA GLY A 1212 15.34 35.47 -32.81
C GLY A 1212 15.57 36.29 -34.05
N VAL A 1213 14.60 36.21 -34.96
CA VAL A 1213 14.72 36.90 -36.25
C VAL A 1213 13.54 37.83 -36.54
N ASP A 1214 12.37 37.61 -35.94
CA ASP A 1214 11.20 38.43 -36.24
C ASP A 1214 10.69 39.20 -35.03
N CYS A 1215 10.43 38.52 -33.92
CA CYS A 1215 9.91 39.18 -32.73
C CYS A 1215 10.40 38.46 -31.49
N ILE A 1216 10.86 39.21 -30.51
CA ILE A 1216 11.38 38.67 -29.26
C ILE A 1216 10.71 39.37 -28.11
N GLY A 1217 10.19 38.60 -27.15
CA GLY A 1217 9.54 39.16 -25.99
C GLY A 1217 10.10 38.57 -24.71
N VAL A 1218 9.92 39.31 -23.63
CA VAL A 1218 10.40 38.92 -22.30
C VAL A 1218 9.22 38.93 -21.34
N ILE A 1219 9.05 37.85 -20.59
CA ILE A 1219 7.95 37.70 -19.64
C ILE A 1219 8.49 37.87 -18.23
N GLN A 1220 7.77 38.66 -17.42
CA GLN A 1220 8.10 38.85 -16.02
C GLN A 1220 6.87 38.46 -15.19
N ASP A 1221 6.97 37.32 -14.51
CA ASP A 1221 5.93 36.83 -13.60
C ASP A 1221 4.55 36.83 -14.28
N GLY A 1222 4.50 36.33 -15.51
CA GLY A 1222 3.25 36.21 -16.21
C GLY A 1222 2.78 37.44 -16.94
N ARG A 1223 3.70 38.31 -17.37
CA ARG A 1223 3.32 39.51 -18.10
C ARG A 1223 4.50 39.99 -18.93
N ILE A 1224 4.22 40.44 -20.15
CA ILE A 1224 5.22 40.98 -21.05
C ILE A 1224 4.90 42.46 -21.30
N VAL A 1225 5.95 43.25 -21.53
CA VAL A 1225 5.78 44.68 -21.75
C VAL A 1225 6.45 45.17 -23.02
N GLU A 1226 7.45 44.48 -23.57
CA GLU A 1226 8.13 44.92 -24.77
C GLU A 1226 8.03 43.84 -25.85
N GLN A 1227 7.94 44.28 -27.10
CA GLN A 1227 7.87 43.38 -28.24
C GLN A 1227 8.71 43.94 -29.38
N GLY A 1228 9.12 43.05 -30.28
CA GLY A 1228 9.90 43.46 -31.43
C GLY A 1228 11.08 42.55 -31.70
N SER A 1229 11.87 42.89 -32.72
CA SER A 1229 13.02 42.08 -33.11
C SER A 1229 14.17 42.30 -32.12
N HIS A 1230 15.27 41.57 -32.36
CA HIS A 1230 16.43 41.69 -31.48
C HIS A 1230 17.09 43.06 -31.56
N SER A 1231 16.90 43.77 -32.67
CA SER A 1231 17.48 45.11 -32.80
C SER A 1231 16.90 46.07 -31.75
N GLU A 1232 15.59 46.02 -31.55
CA GLU A 1232 14.96 46.88 -30.55
C GLU A 1232 15.44 46.54 -29.14
N LEU A 1233 15.56 45.24 -28.83
CA LEU A 1233 16.01 44.83 -27.51
C LEU A 1233 17.45 45.24 -27.25
N VAL A 1234 18.33 45.06 -28.25
CA VAL A 1234 19.73 45.44 -28.07
C VAL A 1234 19.91 46.95 -28.11
N SER A 1235 18.95 47.69 -28.69
CA SER A 1235 19.02 49.14 -28.72
C SER A 1235 18.82 49.75 -27.34
N ARG A 1236 18.15 49.05 -26.43
CA ARG A 1236 17.95 49.57 -25.08
C ARG A 1236 19.29 49.65 -24.36
N PRO A 1237 19.61 50.77 -23.71
CA PRO A 1237 20.88 50.88 -22.99
C PRO A 1237 21.03 49.82 -21.91
N GLU A 1238 20.10 49.81 -20.95
CA GLU A 1238 20.07 48.78 -19.92
C GLU A 1238 18.80 47.95 -19.97
N GLY A 1239 17.63 48.59 -19.91
CA GLY A 1239 16.32 47.96 -19.95
C GLY A 1239 16.24 46.77 -19.02
N ALA A 1240 15.43 45.78 -19.43
CA ALA A 1240 15.38 44.50 -18.74
C ALA A 1240 16.38 43.49 -19.29
N TYR A 1241 17.10 43.85 -20.35
CA TYR A 1241 18.07 42.93 -20.96
C TYR A 1241 19.35 42.85 -20.15
N SER A 1242 19.57 43.77 -19.20
CA SER A 1242 20.78 43.72 -18.38
C SER A 1242 20.82 42.47 -17.51
N ARG A 1243 19.67 42.10 -16.95
CA ARG A 1243 19.60 40.88 -16.13
C ARG A 1243 19.93 39.65 -16.95
N LEU A 1244 19.43 39.59 -18.19
CA LEU A 1244 19.77 38.48 -19.07
C LEU A 1244 21.25 38.50 -19.44
N LEU A 1245 21.82 39.70 -19.61
CA LEU A 1245 23.25 39.81 -19.89
C LEU A 1245 24.08 39.30 -18.71
N GLN A 1246 23.61 39.51 -17.49
CA GLN A 1246 24.31 38.96 -16.33
C GLN A 1246 24.43 37.44 -16.44
N LEU A 1247 23.33 36.76 -16.74
CA LEU A 1247 23.37 35.30 -16.84
C LEU A 1247 24.14 34.86 -18.08
N GLN A 1248 24.12 35.65 -19.15
CA GLN A 1248 24.94 35.34 -20.32
C GLN A 1248 26.41 35.38 -19.98
N THR A 1249 26.84 36.39 -19.21
CA THR A 1249 28.22 36.44 -18.74
C THR A 1249 28.53 35.32 -17.77
N HIS A 1250 27.54 34.91 -16.97
CA HIS A 1250 27.71 33.75 -16.10
C HIS A 1250 27.98 32.48 -16.91
N ARG A 1251 27.28 32.32 -18.03
CA ARG A 1251 27.55 31.20 -18.92
C ARG A 1251 28.98 31.27 -19.48
N ILE A 1252 29.44 32.46 -19.84
CA ILE A 1252 30.77 32.73 -20.38
C ILE A 1252 31.24 31.66 -21.37
#